data_7UH9
#
_entry.id   7UH9
#
loop_
_entity.id
_entity.type
_entity.pdbx_description
1 polymer 'Troponin C, slow skeletal and cardiac muscles,Troponin I, cardiac muscle'
2 non-polymer 'CALCIUM ION'
3 non-polymer N-(7-aminoheptyl)-5-chloronaphthalene-1-sulfonamide
#
_entity_poly.entity_id   1
_entity_poly.type   'polypeptide(L)'
_entity_poly.pdbx_seq_one_letter_code
;MDDIYKAAVEQLTEEQKNEFKAAFDIFVLGAEDGSISTKELGKVMRMLGQNPTPEELQEMIDEVDEDGSGTVDFDEFLVM
MVRSMKDDSKGKFKRPTLRRVRISADAMMQALLGARAKGHHHHHH
;
_entity_poly.pdbx_strand_id   A
#
# COMPACT_ATOMS: atom_id res chain seq x y z
N MET A 1 -13.24 -0.24 9.27
CA MET A 1 -12.62 -1.29 8.41
C MET A 1 -13.60 -2.44 8.22
N ASP A 2 -13.47 -3.14 7.11
CA ASP A 2 -14.36 -4.27 6.82
C ASP A 2 -13.89 -5.53 7.53
N ASP A 3 -14.83 -6.34 7.98
CA ASP A 3 -14.50 -7.59 8.67
C ASP A 3 -13.73 -8.52 7.76
N ILE A 4 -14.13 -8.55 6.49
CA ILE A 4 -13.46 -9.40 5.51
C ILE A 4 -11.98 -9.04 5.39
N TYR A 5 -11.70 -7.74 5.28
CA TYR A 5 -10.32 -7.30 5.16
C TYR A 5 -9.53 -7.68 6.40
N LYS A 6 -10.15 -7.55 7.56
CA LYS A 6 -9.49 -7.92 8.81
C LYS A 6 -9.13 -9.40 8.81
N ALA A 7 -10.06 -10.21 8.31
CA ALA A 7 -9.83 -11.65 8.22
C ALA A 7 -8.66 -11.95 7.29
N ALA A 8 -8.57 -11.18 6.20
CA ALA A 8 -7.50 -11.37 5.23
C ALA A 8 -6.14 -11.19 5.89
N VAL A 9 -6.04 -10.18 6.74
CA VAL A 9 -4.77 -9.92 7.44
C VAL A 9 -4.41 -11.11 8.33
N GLU A 10 -5.39 -11.59 9.08
CA GLU A 10 -5.19 -12.74 9.97
C GLU A 10 -4.98 -14.01 9.17
N GLN A 11 -5.61 -14.09 8.01
CA GLN A 11 -5.50 -15.26 7.15
C GLN A 11 -4.07 -15.41 6.63
N LEU A 12 -3.43 -14.29 6.33
CA LEU A 12 -2.06 -14.33 5.82
C LEU A 12 -1.18 -15.16 6.75
N THR A 13 -0.36 -16.02 6.16
CA THR A 13 0.55 -16.86 6.93
C THR A 13 1.69 -16.02 7.51
N GLU A 14 2.60 -16.69 8.22
CA GLU A 14 3.73 -15.98 8.82
C GLU A 14 4.53 -15.22 7.78
N GLU A 15 4.87 -15.90 6.68
CA GLU A 15 5.64 -15.27 5.61
C GLU A 15 4.87 -14.09 5.02
N GLN A 16 3.57 -14.27 4.80
CA GLN A 16 2.75 -13.20 4.23
C GLN A 16 2.72 -12.00 5.15
N LYS A 17 2.46 -12.23 6.43
CA LYS A 17 2.43 -11.16 7.40
C LYS A 17 3.80 -10.50 7.53
N ASN A 18 4.85 -11.32 7.56
CA ASN A 18 6.20 -10.80 7.67
C ASN A 18 6.54 -9.96 6.44
N GLU A 19 6.15 -10.43 5.27
CA GLU A 19 6.43 -9.71 4.03
C GLU A 19 5.75 -8.35 4.05
N PHE A 20 4.48 -8.33 4.47
CA PHE A 20 3.74 -7.08 4.55
C PHE A 20 4.34 -6.18 5.62
N LYS A 21 4.75 -6.78 6.73
CA LYS A 21 5.33 -5.99 7.81
C LYS A 21 6.58 -5.26 7.34
N ALA A 22 7.41 -5.95 6.55
CA ALA A 22 8.62 -5.35 6.03
C ALA A 22 8.28 -4.15 5.16
N ALA A 23 7.24 -4.30 4.35
CA ALA A 23 6.81 -3.22 3.48
C ALA A 23 6.39 -2.01 4.30
N PHE A 24 5.70 -2.26 5.41
CA PHE A 24 5.26 -1.20 6.30
C PHE A 24 6.44 -0.37 6.78
N ASP A 25 7.49 -1.05 7.24
CA ASP A 25 8.67 -0.35 7.74
C ASP A 25 9.25 0.54 6.65
N ILE A 26 9.39 0.00 5.45
CA ILE A 26 9.93 0.76 4.33
C ILE A 26 8.93 1.82 3.86
N PHE A 27 7.66 1.44 3.83
CA PHE A 27 6.61 2.36 3.40
C PHE A 27 6.54 3.57 4.33
N VAL A 28 6.79 3.34 5.61
CA VAL A 28 6.74 4.41 6.59
C VAL A 28 8.14 4.98 6.82
N LEU A 29 9.02 4.83 5.84
CA LEU A 29 10.38 5.33 5.97
C LEU A 29 10.38 6.85 6.08
N GLY A 30 10.89 7.36 7.19
CA GLY A 30 10.94 8.81 7.41
C GLY A 30 9.70 9.29 8.14
N ALA A 31 8.77 8.38 8.40
CA ALA A 31 7.54 8.72 9.11
C ALA A 31 7.78 8.82 10.61
N GLU A 32 7.45 9.97 11.19
CA GLU A 32 7.64 10.18 12.62
C GLU A 32 6.75 9.24 13.43
N ASP A 33 5.50 9.10 12.98
CA ASP A 33 4.54 8.24 13.66
C ASP A 33 4.78 6.78 13.28
N GLY A 34 5.33 6.57 12.10
CA GLY A 34 5.60 5.23 11.61
C GLY A 34 4.54 4.80 10.60
N SER A 35 3.49 5.60 10.46
CA SER A 35 2.43 5.30 9.50
C SER A 35 2.82 5.82 8.11
N ILE A 36 2.05 5.41 7.10
CA ILE A 36 2.33 5.85 5.74
C ILE A 36 1.47 7.05 5.38
N SER A 37 2.09 8.20 5.24
CA SER A 37 1.36 9.43 4.90
C SER A 37 1.62 9.81 3.45
N THR A 38 1.12 10.96 3.04
CA THR A 38 1.31 11.42 1.68
C THR A 38 2.80 11.57 1.37
N LYS A 39 3.57 12.04 2.35
CA LYS A 39 5.00 12.21 2.15
C LYS A 39 5.66 10.87 1.83
N GLU A 40 5.37 9.87 2.64
CA GLU A 40 5.91 8.53 2.43
C GLU A 40 5.28 7.89 1.19
N LEU A 41 3.98 8.12 1.03
CA LEU A 41 3.26 7.58 -0.11
C LEU A 41 3.84 8.09 -1.41
N GLY A 42 4.05 9.39 -1.48
CA GLY A 42 4.60 9.98 -2.68
C GLY A 42 5.97 9.40 -3.00
N LYS A 43 6.80 9.24 -1.98
CA LYS A 43 8.13 8.67 -2.17
C LYS A 43 8.03 7.26 -2.76
N VAL A 44 7.16 6.44 -2.18
CA VAL A 44 6.98 5.07 -2.65
C VAL A 44 6.48 5.06 -4.09
N MET A 45 5.51 5.92 -4.37
CA MET A 45 4.93 5.99 -5.71
C MET A 45 5.99 6.47 -6.71
N ARG A 46 6.85 7.38 -6.25
CA ARG A 46 7.90 7.90 -7.11
C ARG A 46 8.80 6.77 -7.57
N MET A 47 9.06 5.85 -6.67
CA MET A 47 9.90 4.71 -6.99
C MET A 47 9.24 3.85 -8.06
N LEU A 48 7.92 3.72 -7.95
CA LEU A 48 7.16 2.91 -8.91
C LEU A 48 7.07 3.60 -10.26
N GLY A 49 7.42 4.89 -10.28
CA GLY A 49 7.37 5.67 -11.51
C GLY A 49 6.20 6.66 -11.51
N GLN A 50 5.49 6.73 -10.38
CA GLN A 50 4.36 7.64 -10.27
C GLN A 50 4.76 8.89 -9.50
N ASN A 51 4.11 10.01 -9.81
CA ASN A 51 4.41 11.25 -9.13
C ASN A 51 3.12 11.98 -8.76
N PRO A 52 2.27 11.34 -8.00
CA PRO A 52 0.98 11.92 -7.55
C PRO A 52 1.18 13.09 -6.59
N THR A 53 0.24 14.03 -6.60
CA THR A 53 0.31 15.20 -5.74
C THR A 53 -0.12 14.85 -4.32
N PRO A 54 0.20 15.69 -3.38
CA PRO A 54 -0.15 15.48 -1.94
C PRO A 54 -1.63 15.23 -1.76
N GLU A 55 -2.45 16.00 -2.47
CA GLU A 55 -3.90 15.83 -2.39
C GLU A 55 -4.30 14.45 -2.86
N GLU A 56 -3.72 14.02 -3.97
CA GLU A 56 -4.01 12.70 -4.51
C GLU A 56 -3.53 11.61 -3.54
N LEU A 57 -2.35 11.85 -2.96
CA LEU A 57 -1.75 10.88 -2.04
C LEU A 57 -2.66 10.63 -0.84
N GLN A 58 -3.24 11.71 -0.30
CA GLN A 58 -4.11 11.58 0.86
C GLN A 58 -5.37 10.80 0.49
N GLU A 59 -5.89 11.04 -0.70
CA GLU A 59 -7.08 10.34 -1.15
C GLU A 59 -6.80 8.84 -1.25
N MET A 60 -5.65 8.50 -1.80
CA MET A 60 -5.28 7.09 -1.93
C MET A 60 -5.24 6.43 -0.55
N ILE A 61 -4.61 7.10 0.39
CA ILE A 61 -4.54 6.59 1.76
C ILE A 61 -5.94 6.43 2.33
N ASP A 62 -6.82 7.36 1.98
CA ASP A 62 -8.20 7.31 2.45
C ASP A 62 -8.87 6.02 2.01
N GLU A 63 -8.43 5.49 0.87
CA GLU A 63 -9.01 4.25 0.34
C GLU A 63 -8.89 3.12 1.36
N VAL A 64 -7.73 3.06 2.02
CA VAL A 64 -7.52 2.02 3.03
C VAL A 64 -7.62 2.62 4.43
N ASP A 65 -7.75 3.94 4.48
CA ASP A 65 -7.88 4.64 5.76
C ASP A 65 -9.33 5.04 6.02
N GLU A 66 -10.04 4.21 6.78
CA GLU A 66 -11.42 4.49 7.10
C GLU A 66 -11.53 5.29 8.40
N ASP A 67 -10.50 5.21 9.23
CA ASP A 67 -10.50 5.92 10.50
C ASP A 67 -10.25 7.41 10.28
N GLY A 68 -10.04 7.80 9.03
CA GLY A 68 -9.82 9.20 8.69
C GLY A 68 -8.48 9.69 9.25
N SER A 69 -7.65 8.75 9.66
CA SER A 69 -6.34 9.10 10.22
C SER A 69 -5.48 9.81 9.19
N GLY A 70 -5.72 9.50 7.91
CA GLY A 70 -4.96 10.12 6.83
C GLY A 70 -3.67 9.37 6.58
N THR A 71 -3.38 8.39 7.43
CA THR A 71 -2.17 7.59 7.30
C THR A 71 -2.50 6.11 7.34
N VAL A 72 -1.68 5.31 6.66
CA VAL A 72 -1.88 3.87 6.64
C VAL A 72 -0.99 3.20 7.68
N ASP A 73 -1.60 2.49 8.61
CA ASP A 73 -0.86 1.80 9.66
C ASP A 73 -0.61 0.35 9.26
N PHE A 74 -0.18 -0.47 10.22
CA PHE A 74 0.09 -1.87 9.95
C PHE A 74 -1.16 -2.58 9.46
N ASP A 75 -2.26 -2.39 10.16
CA ASP A 75 -3.53 -3.00 9.77
C ASP A 75 -4.05 -2.36 8.48
N GLU A 76 -3.77 -1.08 8.31
CA GLU A 76 -4.24 -0.35 7.13
C GLU A 76 -3.43 -0.69 5.87
N PHE A 77 -2.11 -0.74 5.98
CA PHE A 77 -1.29 -1.04 4.84
C PHE A 77 -1.54 -2.48 4.39
N LEU A 78 -1.80 -3.36 5.36
CA LEU A 78 -2.08 -4.77 5.05
C LEU A 78 -3.37 -4.87 4.25
N VAL A 79 -4.38 -4.12 4.65
CA VAL A 79 -5.65 -4.11 3.95
C VAL A 79 -5.45 -3.64 2.53
N MET A 80 -4.68 -2.56 2.35
CA MET A 80 -4.43 -2.04 1.02
C MET A 80 -4.00 -3.15 0.08
N MET A 81 -3.03 -3.95 0.50
CA MET A 81 -2.55 -5.03 -0.34
C MET A 81 -3.67 -6.04 -0.59
N VAL A 82 -4.41 -6.37 0.47
CA VAL A 82 -5.52 -7.31 0.35
C VAL A 82 -6.65 -6.73 -0.51
N ARG A 83 -6.97 -5.46 -0.28
CA ARG A 83 -8.02 -4.79 -1.03
C ARG A 83 -7.67 -4.75 -2.52
N SER A 84 -6.42 -4.42 -2.83
CA SER A 84 -5.99 -4.36 -4.21
C SER A 84 -6.10 -5.74 -4.86
N MET A 85 -5.67 -6.76 -4.14
CA MET A 85 -5.73 -8.12 -4.65
C MET A 85 -7.17 -8.55 -4.93
N LYS A 86 -8.05 -8.32 -3.95
CA LYS A 86 -9.46 -8.71 -4.09
C LYS A 86 -10.21 -7.73 -4.99
N ASP A 87 -10.04 -6.43 -4.71
CA ASP A 87 -10.70 -5.39 -5.48
C ASP A 87 -12.21 -5.54 -5.40
N ASP A 88 -12.72 -5.64 -4.16
CA ASP A 88 -14.16 -5.80 -3.94
C ASP A 88 -14.91 -4.58 -4.45
N SER A 89 -14.17 -3.56 -4.85
CA SER A 89 -14.76 -2.33 -5.36
C SER A 89 -15.67 -2.65 -6.55
N LYS A 90 -15.23 -3.56 -7.40
CA LYS A 90 -16.01 -3.94 -8.57
C LYS A 90 -16.21 -2.74 -9.49
N GLY A 91 -15.20 -1.88 -9.57
CA GLY A 91 -15.29 -0.70 -10.41
C GLY A 91 -16.65 -0.02 -10.27
N LYS A 92 -16.68 1.06 -9.50
CA LYS A 92 -17.93 1.79 -9.30
C LYS A 92 -18.29 2.59 -10.54
N PHE A 93 -17.71 2.22 -11.67
CA PHE A 93 -17.97 2.93 -12.92
C PHE A 93 -17.04 4.12 -13.08
N LYS A 94 -17.62 5.29 -13.35
CA LYS A 94 -16.82 6.49 -13.51
C LYS A 94 -15.80 6.32 -14.65
N ARG A 95 -15.79 7.29 -15.55
CA ARG A 95 -14.86 7.26 -16.68
C ARG A 95 -13.45 7.58 -16.21
N PRO A 96 -12.48 7.34 -17.03
CA PRO A 96 -11.05 7.58 -16.72
C PRO A 96 -10.80 9.04 -16.32
N THR A 97 -11.66 9.93 -16.80
CA THR A 97 -11.53 11.34 -16.49
C THR A 97 -10.06 11.70 -16.26
N LEU A 98 -9.82 12.59 -15.30
CA LEU A 98 -8.46 13.00 -14.98
C LEU A 98 -7.89 12.17 -13.83
N ARG A 99 -8.61 11.10 -13.47
CA ARG A 99 -8.17 10.23 -12.39
C ARG A 99 -8.28 8.76 -12.79
N ARG A 100 -7.48 7.91 -12.15
CA ARG A 100 -7.50 6.49 -12.45
C ARG A 100 -6.25 5.80 -11.88
N VAL A 101 -6.45 4.89 -10.94
CA VAL A 101 -5.34 4.17 -10.35
C VAL A 101 -5.47 2.67 -10.58
N ARG A 102 -4.47 2.10 -11.25
CA ARG A 102 -4.47 0.68 -11.54
C ARG A 102 -3.13 0.05 -11.12
N ILE A 103 -2.44 0.70 -10.20
CA ILE A 103 -1.14 0.21 -9.73
C ILE A 103 -1.30 -1.15 -9.07
N SER A 104 -0.35 -2.05 -9.31
CA SER A 104 -0.41 -3.37 -8.71
C SER A 104 0.26 -3.34 -7.35
N ALA A 105 -0.54 -3.47 -6.31
CA ALA A 105 0.00 -3.43 -4.95
C ALA A 105 1.02 -4.55 -4.78
N ASP A 106 0.73 -5.70 -5.37
CA ASP A 106 1.65 -6.82 -5.28
C ASP A 106 3.00 -6.45 -5.90
N ALA A 107 2.94 -5.76 -7.05
CA ALA A 107 4.16 -5.32 -7.74
C ALA A 107 4.91 -4.28 -6.90
N MET A 108 4.14 -3.42 -6.26
CA MET A 108 4.71 -2.39 -5.40
C MET A 108 5.57 -2.99 -4.31
N MET A 109 5.17 -4.17 -3.83
CA MET A 109 5.91 -4.82 -2.76
C MET A 109 7.35 -5.04 -3.21
N GLN A 110 7.51 -5.41 -4.47
CA GLN A 110 8.86 -5.62 -5.01
C GLN A 110 9.64 -4.30 -4.97
N ALA A 111 8.97 -3.21 -5.32
CA ALA A 111 9.62 -1.90 -5.30
C ALA A 111 10.03 -1.52 -3.88
N LEU A 112 9.15 -1.82 -2.93
CA LEU A 112 9.40 -1.50 -1.54
C LEU A 112 10.57 -2.32 -0.99
N LEU A 113 10.63 -3.59 -1.38
CA LEU A 113 11.68 -4.47 -0.91
C LEU A 113 12.95 -4.27 -1.73
N GLY A 114 12.81 -4.36 -3.06
CA GLY A 114 13.94 -4.18 -3.95
C GLY A 114 15.20 -4.83 -3.39
N ALA A 115 15.01 -5.90 -2.63
CA ALA A 115 16.15 -6.60 -2.04
C ALA A 115 15.74 -8.00 -1.60
N ARG A 116 16.69 -8.92 -1.66
CA ARG A 116 16.44 -10.30 -1.25
C ARG A 116 16.14 -10.38 0.23
N ALA A 117 16.49 -9.32 0.96
CA ALA A 117 16.24 -9.27 2.40
C ALA A 117 16.63 -10.60 3.05
N LYS A 118 17.89 -10.97 2.91
CA LYS A 118 18.38 -12.22 3.50
C LYS A 118 19.19 -11.95 4.75
N GLY A 119 18.89 -10.82 5.41
CA GLY A 119 19.60 -10.46 6.63
C GLY A 119 19.41 -11.51 7.71
N HIS A 120 18.19 -12.05 7.81
CA HIS A 120 17.90 -13.06 8.81
C HIS A 120 18.17 -14.45 8.25
N HIS A 121 18.81 -15.29 9.06
CA HIS A 121 19.12 -16.65 8.65
C HIS A 121 18.72 -17.64 9.73
N HIS A 122 17.77 -18.50 9.40
CA HIS A 122 17.30 -19.50 10.36
C HIS A 122 17.32 -20.90 9.74
N HIS A 123 17.82 -21.86 10.50
CA HIS A 123 17.91 -23.24 10.03
C HIS A 123 17.53 -24.22 11.14
N HIS A 124 17.27 -25.46 10.76
CA HIS A 124 16.89 -26.48 11.73
C HIS A 124 15.57 -26.12 12.41
N HIS A 125 14.68 -25.48 11.66
CA HIS A 125 13.38 -25.09 12.19
C HIS A 125 12.97 -26.00 13.34
N MET A 1 -12.07 -1.27 8.98
CA MET A 1 -12.48 -1.03 7.56
C MET A 1 -13.51 -2.08 7.15
N ASP A 2 -13.08 -3.05 6.35
CA ASP A 2 -13.98 -4.10 5.90
C ASP A 2 -13.70 -5.40 6.65
N ASP A 3 -14.75 -6.14 6.96
CA ASP A 3 -14.61 -7.40 7.67
C ASP A 3 -13.76 -8.37 6.86
N ILE A 4 -13.93 -8.35 5.55
CA ILE A 4 -13.17 -9.22 4.67
C ILE A 4 -11.69 -8.84 4.66
N TYR A 5 -11.42 -7.54 4.56
CA TYR A 5 -10.04 -7.06 4.55
C TYR A 5 -9.38 -7.35 5.89
N LYS A 6 -10.14 -7.18 6.97
CA LYS A 6 -9.60 -7.42 8.30
C LYS A 6 -9.20 -8.89 8.44
N ALA A 7 -10.06 -9.77 7.93
CA ALA A 7 -9.78 -11.19 7.98
C ALA A 7 -8.55 -11.52 7.15
N ALA A 8 -8.44 -10.88 5.99
CA ALA A 8 -7.32 -11.14 5.09
C ALA A 8 -6.02 -10.82 5.81
N VAL A 9 -5.99 -9.71 6.52
CA VAL A 9 -4.79 -9.33 7.24
C VAL A 9 -4.43 -10.40 8.27
N GLU A 10 -5.42 -10.80 9.06
CA GLU A 10 -5.20 -11.81 10.09
C GLU A 10 -5.26 -13.21 9.49
N GLN A 11 -5.74 -13.29 8.26
CA GLN A 11 -5.86 -14.57 7.57
C GLN A 11 -4.53 -14.96 6.93
N LEU A 12 -3.66 -13.98 6.71
CA LEU A 12 -2.35 -14.24 6.11
C LEU A 12 -1.48 -15.05 7.07
N THR A 13 -0.60 -15.87 6.50
CA THR A 13 0.29 -16.69 7.31
C THR A 13 1.39 -15.83 7.93
N GLU A 14 2.27 -16.46 8.68
CA GLU A 14 3.37 -15.75 9.33
C GLU A 14 4.26 -15.08 8.29
N GLU A 15 4.60 -15.81 7.23
CA GLU A 15 5.45 -15.26 6.18
C GLU A 15 4.78 -14.08 5.49
N GLN A 16 3.48 -14.23 5.19
CA GLN A 16 2.75 -13.17 4.52
C GLN A 16 2.69 -11.93 5.39
N LYS A 17 2.40 -12.12 6.68
CA LYS A 17 2.34 -11.00 7.61
C LYS A 17 3.70 -10.34 7.74
N ASN A 18 4.74 -11.15 7.84
CA ASN A 18 6.10 -10.63 7.97
C ASN A 18 6.49 -9.87 6.71
N GLU A 19 6.17 -10.44 5.54
CA GLU A 19 6.50 -9.80 4.28
C GLU A 19 5.79 -8.46 4.16
N PHE A 20 4.49 -8.45 4.46
CA PHE A 20 3.71 -7.23 4.39
C PHE A 20 4.19 -6.23 5.43
N LYS A 21 4.49 -6.73 6.62
CA LYS A 21 4.96 -5.87 7.70
C LYS A 21 6.28 -5.21 7.32
N ALA A 22 7.13 -5.96 6.63
CA ALA A 22 8.43 -5.44 6.22
C ALA A 22 8.22 -4.23 5.31
N ALA A 23 7.26 -4.33 4.40
CA ALA A 23 6.95 -3.22 3.50
C ALA A 23 6.50 -2.00 4.30
N PHE A 24 5.73 -2.25 5.35
CA PHE A 24 5.24 -1.17 6.20
C PHE A 24 6.39 -0.36 6.76
N ASP A 25 7.39 -1.04 7.30
CA ASP A 25 8.55 -0.37 7.87
C ASP A 25 9.24 0.50 6.82
N ILE A 26 9.47 -0.07 5.64
CA ILE A 26 10.10 0.67 4.56
C ILE A 26 9.18 1.77 4.04
N PHE A 27 7.90 1.46 3.95
CA PHE A 27 6.93 2.42 3.45
C PHE A 27 6.93 3.68 4.31
N VAL A 28 7.03 3.50 5.62
CA VAL A 28 7.05 4.64 6.53
C VAL A 28 8.49 5.01 6.89
N LEU A 29 9.42 4.74 5.97
CA LEU A 29 10.81 5.05 6.21
C LEU A 29 10.98 6.53 6.58
N GLY A 30 11.42 6.77 7.81
CA GLY A 30 11.63 8.14 8.28
C GLY A 30 10.32 8.77 8.75
N ALA A 31 9.23 8.00 8.67
CA ALA A 31 7.93 8.50 9.09
C ALA A 31 7.91 8.75 10.59
N GLU A 32 7.55 9.98 10.98
CA GLU A 32 7.48 10.32 12.39
C GLU A 32 6.43 9.50 13.11
N ASP A 33 5.24 9.41 12.50
CA ASP A 33 4.16 8.64 13.07
C ASP A 33 4.41 7.15 12.93
N GLY A 34 5.19 6.79 11.91
CA GLY A 34 5.51 5.40 11.65
C GLY A 34 4.49 4.78 10.71
N SER A 35 3.48 5.56 10.33
CA SER A 35 2.45 5.06 9.43
C SER A 35 2.63 5.70 8.05
N ILE A 36 2.26 4.97 7.01
CA ILE A 36 2.40 5.48 5.65
C ILE A 36 1.52 6.72 5.44
N SER A 37 2.14 7.79 4.98
CA SER A 37 1.43 9.04 4.74
C SER A 37 1.63 9.50 3.30
N THR A 38 1.07 10.65 2.96
CA THR A 38 1.22 11.17 1.61
C THR A 38 2.69 11.39 1.27
N LYS A 39 3.46 11.89 2.24
CA LYS A 39 4.88 12.11 2.01
C LYS A 39 5.59 10.79 1.71
N GLU A 40 5.33 9.79 2.56
CA GLU A 40 5.92 8.48 2.38
C GLU A 40 5.34 7.80 1.14
N LEU A 41 4.04 8.01 0.93
CA LEU A 41 3.35 7.43 -0.22
C LEU A 41 3.96 7.94 -1.51
N GLY A 42 4.19 9.25 -1.56
CA GLY A 42 4.77 9.86 -2.74
C GLY A 42 6.15 9.27 -3.03
N LYS A 43 6.93 9.05 -1.98
CA LYS A 43 8.25 8.48 -2.14
C LYS A 43 8.16 7.10 -2.79
N VAL A 44 7.26 6.27 -2.28
CA VAL A 44 7.09 4.94 -2.83
C VAL A 44 6.59 5.01 -4.27
N MET A 45 5.61 5.88 -4.51
CA MET A 45 5.04 6.04 -5.84
C MET A 45 6.11 6.51 -6.83
N ARG A 46 7.00 7.38 -6.38
CA ARG A 46 8.05 7.89 -7.24
C ARG A 46 8.93 6.74 -7.68
N MET A 47 9.19 5.81 -6.77
CA MET A 47 10.02 4.65 -7.10
C MET A 47 9.33 3.79 -8.16
N LEU A 48 8.01 3.68 -8.06
CA LEU A 48 7.23 2.86 -8.99
C LEU A 48 7.07 3.58 -10.33
N GLY A 49 7.53 4.83 -10.38
CA GLY A 49 7.43 5.62 -11.61
C GLY A 49 6.17 6.49 -11.59
N GLN A 50 5.50 6.55 -10.45
CA GLN A 50 4.28 7.34 -10.33
C GLN A 50 4.59 8.68 -9.65
N ASN A 51 3.86 9.71 -10.03
CA ASN A 51 4.06 11.02 -9.44
C ASN A 51 2.73 11.61 -8.96
N PRO A 52 2.07 10.92 -8.07
CA PRO A 52 0.77 11.38 -7.50
C PRO A 52 0.92 12.62 -6.62
N THR A 53 -0.11 13.46 -6.61
CA THR A 53 -0.09 14.67 -5.81
C THR A 53 -0.55 14.41 -4.38
N PRO A 54 -0.28 15.31 -3.50
CA PRO A 54 -0.67 15.17 -2.06
C PRO A 54 -2.15 14.86 -1.90
N GLU A 55 -2.97 15.53 -2.69
CA GLU A 55 -4.41 15.33 -2.61
C GLU A 55 -4.74 13.88 -2.94
N GLU A 56 -4.14 13.38 -4.02
CA GLU A 56 -4.36 12.00 -4.43
C GLU A 56 -3.79 11.04 -3.40
N LEU A 57 -2.63 11.41 -2.85
CA LEU A 57 -1.95 10.57 -1.87
C LEU A 57 -2.84 10.37 -0.64
N GLN A 58 -3.49 11.45 -0.19
CA GLN A 58 -4.36 11.38 0.97
C GLN A 58 -5.57 10.49 0.69
N GLU A 59 -6.15 10.65 -0.50
CA GLU A 59 -7.31 9.86 -0.87
C GLU A 59 -6.95 8.38 -0.91
N MET A 60 -5.76 8.08 -1.42
CA MET A 60 -5.31 6.69 -1.50
C MET A 60 -5.22 6.09 -0.09
N ILE A 61 -4.67 6.86 0.83
CA ILE A 61 -4.56 6.40 2.21
C ILE A 61 -5.95 6.32 2.85
N ASP A 62 -6.83 7.22 2.45
CA ASP A 62 -8.18 7.25 3.00
C ASP A 62 -8.94 5.97 2.61
N GLU A 63 -8.59 5.41 1.47
CA GLU A 63 -9.26 4.19 0.99
C GLU A 63 -9.09 3.05 1.99
N VAL A 64 -7.90 2.94 2.57
CA VAL A 64 -7.63 1.90 3.54
C VAL A 64 -7.71 2.45 4.96
N ASP A 65 -7.80 3.77 5.06
CA ASP A 65 -7.88 4.42 6.36
C ASP A 65 -9.20 4.12 7.05
N GLU A 66 -9.14 3.63 8.28
CA GLU A 66 -10.36 3.31 9.03
C GLU A 66 -10.86 4.51 9.81
N ASP A 67 -9.96 5.14 10.57
CA ASP A 67 -10.32 6.30 11.36
C ASP A 67 -10.25 7.58 10.52
N GLY A 68 -9.86 7.43 9.26
CA GLY A 68 -9.78 8.59 8.37
C GLY A 68 -8.65 9.52 8.80
N SER A 69 -7.69 8.98 9.54
CA SER A 69 -6.57 9.78 10.01
C SER A 69 -5.78 10.36 8.85
N GLY A 70 -5.95 9.76 7.67
CA GLY A 70 -5.24 10.21 6.48
C GLY A 70 -3.90 9.48 6.33
N THR A 71 -3.67 8.50 7.20
CA THR A 71 -2.43 7.72 7.16
C THR A 71 -2.73 6.23 7.23
N VAL A 72 -1.77 5.42 6.81
CA VAL A 72 -1.93 3.97 6.83
C VAL A 72 -0.98 3.34 7.84
N ASP A 73 -1.53 2.52 8.74
CA ASP A 73 -0.74 1.86 9.76
C ASP A 73 -0.38 0.44 9.31
N PHE A 74 0.10 -0.37 10.26
CA PHE A 74 0.47 -1.74 9.94
C PHE A 74 -0.73 -2.53 9.40
N ASP A 75 -1.83 -2.48 10.13
CA ASP A 75 -3.03 -3.18 9.69
C ASP A 75 -3.62 -2.50 8.46
N GLU A 76 -3.49 -1.18 8.41
CA GLU A 76 -4.04 -0.41 7.30
C GLU A 76 -3.29 -0.69 6.00
N PHE A 77 -1.96 -0.76 6.06
CA PHE A 77 -1.18 -1.02 4.87
C PHE A 77 -1.45 -2.44 4.38
N LEU A 78 -1.66 -3.37 5.33
CA LEU A 78 -1.94 -4.76 4.98
C LEU A 78 -3.21 -4.86 4.15
N VAL A 79 -4.23 -4.12 4.56
CA VAL A 79 -5.50 -4.12 3.84
C VAL A 79 -5.31 -3.55 2.45
N MET A 80 -4.56 -2.45 2.35
CA MET A 80 -4.33 -1.81 1.05
C MET A 80 -3.89 -2.86 0.03
N MET A 81 -2.88 -3.64 0.40
CA MET A 81 -2.36 -4.66 -0.51
C MET A 81 -3.42 -5.70 -0.80
N VAL A 82 -4.14 -6.11 0.24
CA VAL A 82 -5.21 -7.09 0.10
C VAL A 82 -6.34 -6.53 -0.77
N ARG A 83 -6.65 -5.25 -0.57
CA ARG A 83 -7.72 -4.61 -1.32
C ARG A 83 -7.43 -4.67 -2.82
N SER A 84 -6.22 -4.28 -3.20
CA SER A 84 -5.84 -4.31 -4.60
C SER A 84 -5.80 -5.74 -5.12
N MET A 85 -5.23 -6.64 -4.33
CA MET A 85 -5.11 -8.03 -4.73
C MET A 85 -6.48 -8.67 -4.91
N LYS A 86 -7.40 -8.33 -4.01
CA LYS A 86 -8.75 -8.88 -4.09
C LYS A 86 -9.61 -8.11 -5.09
N ASP A 87 -9.61 -6.78 -4.96
CA ASP A 87 -10.39 -5.94 -5.84
C ASP A 87 -11.87 -6.30 -5.77
N ASP A 88 -12.25 -7.01 -4.71
CA ASP A 88 -13.64 -7.43 -4.53
C ASP A 88 -14.55 -6.21 -4.42
N SER A 89 -13.98 -5.08 -4.04
CA SER A 89 -14.75 -3.85 -3.89
C SER A 89 -15.37 -3.46 -5.22
N LYS A 90 -14.64 -3.68 -6.30
CA LYS A 90 -15.13 -3.34 -7.63
C LYS A 90 -16.45 -4.05 -7.90
N GLY A 91 -16.61 -5.25 -7.36
CA GLY A 91 -17.84 -6.01 -7.55
C GLY A 91 -18.92 -5.55 -6.59
N LYS A 92 -20.15 -6.02 -6.81
CA LYS A 92 -21.26 -5.64 -5.96
C LYS A 92 -21.40 -4.13 -5.88
N PHE A 93 -22.64 -3.65 -5.88
CA PHE A 93 -22.90 -2.22 -5.81
C PHE A 93 -22.29 -1.49 -7.01
N LYS A 94 -23.14 -0.80 -7.77
CA LYS A 94 -22.66 -0.07 -8.94
C LYS A 94 -21.48 0.82 -8.58
N ARG A 95 -21.57 1.49 -7.43
CA ARG A 95 -20.49 2.37 -6.98
C ARG A 95 -20.04 3.27 -8.12
N PRO A 96 -19.07 4.10 -7.85
CA PRO A 96 -18.52 5.05 -8.85
C PRO A 96 -17.58 4.37 -9.85
N THR A 97 -17.21 5.11 -10.89
CA THR A 97 -16.33 4.55 -11.91
C THR A 97 -15.11 5.45 -12.11
N LEU A 98 -14.15 4.98 -12.88
CA LEU A 98 -12.94 5.74 -13.12
C LEU A 98 -12.46 6.40 -11.84
N ARG A 99 -11.80 5.61 -10.99
CA ARG A 99 -11.29 6.13 -9.72
C ARG A 99 -9.97 6.85 -9.94
N ARG A 100 -9.50 6.88 -11.18
CA ARG A 100 -8.24 7.53 -11.50
C ARG A 100 -7.06 6.74 -10.94
N VAL A 101 -7.37 5.62 -10.29
CA VAL A 101 -6.34 4.78 -9.71
C VAL A 101 -6.32 3.40 -10.34
N ARG A 102 -5.14 2.98 -10.80
CA ARG A 102 -4.99 1.66 -11.41
C ARG A 102 -3.65 1.04 -11.02
N ILE A 103 -3.04 1.57 -9.96
CA ILE A 103 -1.75 1.05 -9.50
C ILE A 103 -1.92 -0.31 -8.85
N SER A 104 -0.98 -1.22 -9.13
CA SER A 104 -1.05 -2.55 -8.55
C SER A 104 -0.20 -2.59 -7.29
N ALA A 105 -0.83 -2.84 -6.16
CA ALA A 105 -0.12 -2.90 -4.89
C ALA A 105 0.96 -3.96 -4.97
N ASP A 106 0.68 -5.04 -5.69
CA ASP A 106 1.65 -6.11 -5.85
C ASP A 106 2.92 -5.53 -6.48
N ALA A 107 2.75 -4.69 -7.49
CA ALA A 107 3.90 -4.06 -8.15
C ALA A 107 4.66 -3.18 -7.16
N MET A 108 3.91 -2.39 -6.40
CA MET A 108 4.51 -1.51 -5.40
C MET A 108 5.23 -2.31 -4.33
N MET A 109 4.59 -3.36 -3.85
CA MET A 109 5.18 -4.20 -2.80
C MET A 109 6.52 -4.73 -3.28
N GLN A 110 6.63 -5.00 -4.58
CA GLN A 110 7.88 -5.51 -5.14
C GLN A 110 8.96 -4.43 -5.02
N ALA A 111 8.58 -3.21 -5.35
CA ALA A 111 9.53 -2.09 -5.27
C ALA A 111 9.96 -1.87 -3.82
N LEU A 112 9.01 -2.03 -2.90
CA LEU A 112 9.29 -1.82 -1.49
C LEU A 112 10.37 -2.79 -1.00
N LEU A 113 10.23 -4.06 -1.35
CA LEU A 113 11.21 -5.07 -0.97
C LEU A 113 12.47 -4.94 -1.79
N GLY A 114 12.32 -4.56 -3.06
CA GLY A 114 13.45 -4.42 -3.96
C GLY A 114 14.39 -3.33 -3.48
N ALA A 115 15.63 -3.37 -3.98
CA ALA A 115 16.63 -2.39 -3.57
C ALA A 115 16.18 -0.98 -3.95
N ARG A 116 16.30 -0.06 -3.00
CA ARG A 116 15.92 1.32 -3.23
C ARG A 116 17.04 2.09 -3.91
N ALA A 117 18.16 1.41 -4.13
CA ALA A 117 19.31 2.05 -4.77
C ALA A 117 20.20 2.72 -3.73
N LYS A 118 21.03 3.65 -4.19
CA LYS A 118 21.92 4.36 -3.29
C LYS A 118 22.76 3.39 -2.47
N GLY A 119 23.12 2.27 -3.09
CA GLY A 119 23.92 1.25 -2.42
C GLY A 119 23.04 0.26 -1.68
N HIS A 120 22.62 -0.79 -2.39
CA HIS A 120 21.77 -1.81 -1.78
C HIS A 120 22.54 -2.59 -0.72
N HIS A 121 23.86 -2.53 -0.80
CA HIS A 121 24.71 -3.23 0.16
C HIS A 121 25.92 -2.37 0.54
N HIS A 122 25.70 -1.44 1.46
CA HIS A 122 26.77 -0.56 1.90
C HIS A 122 27.37 0.18 0.71
N HIS A 123 28.70 0.19 0.63
CA HIS A 123 29.39 0.86 -0.47
C HIS A 123 29.83 -0.15 -1.52
N HIS A 124 29.55 -1.43 -1.27
CA HIS A 124 29.93 -2.48 -2.19
C HIS A 124 29.35 -3.82 -1.76
N HIS A 125 29.52 -4.84 -2.59
CA HIS A 125 29.01 -6.17 -2.28
C HIS A 125 29.92 -7.25 -2.87
N MET A 1 -11.46 -0.40 8.51
CA MET A 1 -11.37 -1.27 7.30
C MET A 1 -12.52 -2.25 7.29
N ASP A 2 -12.81 -2.82 6.11
CA ASP A 2 -13.89 -3.78 5.98
C ASP A 2 -13.60 -5.04 6.79
N ASP A 3 -14.66 -5.72 7.21
CA ASP A 3 -14.49 -6.94 7.99
C ASP A 3 -13.71 -7.98 7.19
N ILE A 4 -13.98 -8.04 5.91
CA ILE A 4 -13.28 -8.99 5.03
C ILE A 4 -11.80 -8.68 4.97
N TYR A 5 -11.47 -7.39 4.93
CA TYR A 5 -10.07 -6.98 4.88
C TYR A 5 -9.34 -7.42 6.14
N LYS A 6 -10.03 -7.33 7.27
CA LYS A 6 -9.44 -7.73 8.53
C LYS A 6 -9.11 -9.21 8.52
N ALA A 7 -10.01 -10.00 7.95
CA ALA A 7 -9.81 -11.43 7.85
C ALA A 7 -8.60 -11.74 6.97
N ALA A 8 -8.46 -11.00 5.88
CA ALA A 8 -7.35 -11.22 4.96
C ALA A 8 -6.02 -11.04 5.67
N VAL A 9 -5.95 -10.04 6.53
CA VAL A 9 -4.73 -9.80 7.28
C VAL A 9 -4.40 -10.99 8.18
N GLU A 10 -5.42 -11.49 8.86
CA GLU A 10 -5.26 -12.64 9.76
C GLU A 10 -4.93 -13.90 8.97
N GLN A 11 -5.43 -13.96 7.74
CA GLN A 11 -5.20 -15.12 6.89
C GLN A 11 -3.72 -15.22 6.53
N LEU A 12 -3.07 -14.09 6.32
CA LEU A 12 -1.66 -14.09 5.96
C LEU A 12 -0.87 -14.95 6.93
N THR A 13 -0.10 -15.89 6.39
CA THR A 13 0.71 -16.78 7.20
C THR A 13 1.82 -15.98 7.90
N GLU A 14 2.64 -16.67 8.68
CA GLU A 14 3.74 -16.01 9.39
C GLU A 14 4.66 -15.31 8.40
N GLU A 15 5.05 -16.01 7.36
CA GLU A 15 5.93 -15.42 6.36
C GLU A 15 5.25 -14.26 5.66
N GLN A 16 3.96 -14.43 5.32
CA GLN A 16 3.21 -13.37 4.64
C GLN A 16 3.06 -12.15 5.54
N LYS A 17 2.72 -12.39 6.80
CA LYS A 17 2.55 -11.31 7.76
C LYS A 17 3.90 -10.67 8.06
N ASN A 18 4.93 -11.51 8.25
CA ASN A 18 6.27 -11.03 8.54
C ASN A 18 6.82 -10.21 7.36
N GLU A 19 6.57 -10.69 6.15
CA GLU A 19 7.02 -10.01 4.95
C GLU A 19 6.45 -8.59 4.88
N PHE A 20 5.15 -8.49 5.15
CA PHE A 20 4.50 -7.19 5.13
C PHE A 20 5.05 -6.31 6.23
N LYS A 21 5.37 -6.90 7.37
CA LYS A 21 5.90 -6.12 8.49
C LYS A 21 7.11 -5.33 8.05
N ALA A 22 8.02 -5.99 7.33
CA ALA A 22 9.20 -5.30 6.83
C ALA A 22 8.80 -4.19 5.86
N ALA A 23 7.81 -4.46 5.03
CA ALA A 23 7.33 -3.47 4.05
C ALA A 23 6.80 -2.24 4.76
N PHE A 24 6.06 -2.45 5.85
CA PHE A 24 5.50 -1.34 6.61
C PHE A 24 6.61 -0.43 7.11
N ASP A 25 7.66 -1.03 7.66
CA ASP A 25 8.78 -0.25 8.17
C ASP A 25 9.38 0.63 7.08
N ILE A 26 9.63 0.03 5.92
CA ILE A 26 10.19 0.76 4.79
C ILE A 26 9.18 1.75 4.22
N PHE A 27 7.94 1.31 4.11
CA PHE A 27 6.87 2.14 3.57
C PHE A 27 6.69 3.39 4.43
N VAL A 28 7.03 3.28 5.70
CA VAL A 28 6.90 4.40 6.62
C VAL A 28 8.27 5.00 6.93
N LEU A 29 9.22 4.79 6.02
CA LEU A 29 10.57 5.32 6.22
C LEU A 29 10.54 6.83 6.35
N GLY A 30 11.08 7.35 7.45
CA GLY A 30 11.10 8.78 7.69
C GLY A 30 9.81 9.26 8.33
N ALA A 31 8.87 8.34 8.52
CA ALA A 31 7.59 8.68 9.13
C ALA A 31 7.72 8.79 10.65
N GLU A 32 7.35 9.94 11.19
CA GLU A 32 7.43 10.15 12.63
C GLU A 32 6.47 9.22 13.37
N ASP A 33 5.25 9.10 12.86
CA ASP A 33 4.25 8.23 13.47
C ASP A 33 4.45 6.79 13.04
N GLY A 34 5.27 6.59 12.00
CA GLY A 34 5.55 5.26 11.50
C GLY A 34 4.45 4.79 10.55
N SER A 35 3.42 5.61 10.40
CA SER A 35 2.32 5.29 9.50
C SER A 35 2.65 5.72 8.07
N ILE A 36 1.81 5.31 7.13
CA ILE A 36 2.02 5.65 5.73
C ILE A 36 1.23 6.90 5.36
N SER A 37 1.94 8.00 5.15
CA SER A 37 1.29 9.26 4.80
C SER A 37 1.56 9.61 3.34
N THR A 38 1.03 10.74 2.90
CA THR A 38 1.23 11.16 1.52
C THR A 38 2.73 11.37 1.24
N LYS A 39 3.45 11.90 2.22
CA LYS A 39 4.87 12.12 2.04
C LYS A 39 5.61 10.81 1.80
N GLU A 40 5.34 9.83 2.67
CA GLU A 40 5.94 8.51 2.52
C GLU A 40 5.39 7.80 1.29
N LEU A 41 4.10 7.97 1.06
CA LEU A 41 3.45 7.35 -0.09
C LEU A 41 4.04 7.86 -1.38
N GLY A 42 4.18 9.16 -1.48
CA GLY A 42 4.73 9.75 -2.69
C GLY A 42 6.12 9.19 -2.97
N LYS A 43 6.93 9.05 -1.93
CA LYS A 43 8.27 8.51 -2.10
C LYS A 43 8.20 7.11 -2.71
N VAL A 44 7.34 6.27 -2.16
CA VAL A 44 7.18 4.91 -2.65
C VAL A 44 6.64 4.91 -4.08
N MET A 45 5.62 5.74 -4.32
CA MET A 45 5.01 5.80 -5.64
C MET A 45 6.03 6.30 -6.67
N ARG A 46 6.88 7.23 -6.26
CA ARG A 46 7.90 7.77 -7.15
C ARG A 46 8.81 6.64 -7.61
N MET A 47 9.14 5.76 -6.69
CA MET A 47 9.99 4.62 -7.02
C MET A 47 9.31 3.73 -8.06
N LEU A 48 8.01 3.58 -7.92
CA LEU A 48 7.24 2.73 -8.85
C LEU A 48 7.15 3.38 -10.22
N GLY A 49 7.55 4.64 -10.29
CA GLY A 49 7.50 5.38 -11.57
C GLY A 49 6.33 6.35 -11.60
N GLN A 50 5.63 6.47 -10.47
CA GLN A 50 4.48 7.38 -10.40
C GLN A 50 4.80 8.55 -9.48
N ASN A 51 4.30 9.73 -9.83
CA ASN A 51 4.53 10.92 -9.03
C ASN A 51 3.22 11.62 -8.72
N PRO A 52 2.35 10.97 -8.00
CA PRO A 52 1.03 11.55 -7.60
C PRO A 52 1.18 12.74 -6.65
N THR A 53 0.25 13.67 -6.72
CA THR A 53 0.28 14.85 -5.87
C THR A 53 -0.21 14.53 -4.46
N PRO A 54 0.08 15.38 -3.53
CA PRO A 54 -0.34 15.19 -2.11
C PRO A 54 -1.83 14.93 -1.98
N GLU A 55 -2.61 15.65 -2.79
CA GLU A 55 -4.06 15.49 -2.78
C GLU A 55 -4.44 14.07 -3.16
N GLU A 56 -3.79 13.56 -4.20
CA GLU A 56 -4.06 12.20 -4.65
C GLU A 56 -3.57 11.20 -3.61
N LEU A 57 -2.42 11.50 -3.01
CA LEU A 57 -1.82 10.61 -2.02
C LEU A 57 -2.75 10.44 -0.82
N GLN A 58 -3.35 11.54 -0.38
CA GLN A 58 -4.25 11.48 0.77
C GLN A 58 -5.51 10.67 0.42
N GLU A 59 -5.97 10.83 -0.81
CA GLU A 59 -7.15 10.09 -1.26
C GLU A 59 -6.88 8.59 -1.25
N MET A 60 -5.69 8.21 -1.69
CA MET A 60 -5.34 6.79 -1.72
C MET A 60 -5.28 6.24 -0.31
N ILE A 61 -4.70 7.01 0.61
CA ILE A 61 -4.61 6.60 2.00
C ILE A 61 -6.00 6.57 2.63
N ASP A 62 -6.82 7.53 2.24
CA ASP A 62 -8.18 7.62 2.78
C ASP A 62 -8.96 6.35 2.48
N GLU A 63 -8.70 5.76 1.32
CA GLU A 63 -9.38 4.53 0.92
C GLU A 63 -9.11 3.42 1.93
N VAL A 64 -7.88 3.35 2.41
CA VAL A 64 -7.49 2.33 3.37
C VAL A 64 -7.49 2.90 4.79
N ASP A 65 -7.73 4.20 4.89
CA ASP A 65 -7.74 4.87 6.19
C ASP A 65 -9.08 4.62 6.90
N GLU A 66 -9.02 4.00 8.07
CA GLU A 66 -10.22 3.71 8.85
C GLU A 66 -10.57 4.87 9.77
N ASP A 67 -9.59 5.34 10.53
CA ASP A 67 -9.81 6.43 11.46
C ASP A 67 -9.78 7.78 10.75
N GLY A 68 -9.51 7.74 9.44
CA GLY A 68 -9.47 8.97 8.66
C GLY A 68 -8.30 9.84 9.07
N SER A 69 -7.33 9.24 9.76
CA SER A 69 -6.16 9.99 10.23
C SER A 69 -5.36 10.52 9.05
N GLY A 70 -5.55 9.91 7.89
CA GLY A 70 -4.83 10.33 6.69
C GLY A 70 -3.56 9.51 6.50
N THR A 71 -3.38 8.51 7.36
CA THR A 71 -2.20 7.64 7.28
C THR A 71 -2.63 6.17 7.31
N VAL A 72 -1.79 5.31 6.75
CA VAL A 72 -2.09 3.89 6.70
C VAL A 72 -1.20 3.14 7.69
N ASP A 73 -1.83 2.52 8.68
CA ASP A 73 -1.10 1.76 9.69
C ASP A 73 -0.93 0.32 9.24
N PHE A 74 -0.51 -0.54 10.16
CA PHE A 74 -0.31 -1.94 9.82
C PHE A 74 -1.59 -2.56 9.28
N ASP A 75 -2.70 -2.34 9.97
CA ASP A 75 -3.98 -2.89 9.54
C ASP A 75 -4.37 -2.37 8.16
N GLU A 76 -4.27 -1.05 7.99
CA GLU A 76 -4.61 -0.42 6.71
C GLU A 76 -3.60 -0.79 5.64
N PHE A 77 -2.34 -0.93 6.05
CA PHE A 77 -1.28 -1.30 5.12
C PHE A 77 -1.63 -2.64 4.45
N LEU A 78 -1.94 -3.64 5.26
CA LEU A 78 -2.27 -4.94 4.71
C LEU A 78 -3.58 -4.88 3.93
N VAL A 79 -4.51 -4.06 4.42
CA VAL A 79 -5.81 -3.92 3.77
C VAL A 79 -5.65 -3.43 2.33
N MET A 80 -4.87 -2.37 2.14
CA MET A 80 -4.65 -1.84 0.80
C MET A 80 -4.09 -2.94 -0.10
N MET A 81 -3.10 -3.68 0.41
CA MET A 81 -2.51 -4.77 -0.38
C MET A 81 -3.56 -5.84 -0.68
N VAL A 82 -4.35 -6.17 0.33
CA VAL A 82 -5.41 -7.16 0.18
C VAL A 82 -6.48 -6.66 -0.78
N ARG A 83 -6.81 -5.37 -0.67
CA ARG A 83 -7.84 -4.78 -1.51
C ARG A 83 -7.47 -4.94 -2.99
N SER A 84 -6.21 -4.69 -3.32
CA SER A 84 -5.76 -4.82 -4.70
C SER A 84 -5.86 -6.26 -5.16
N MET A 85 -5.50 -7.19 -4.28
CA MET A 85 -5.55 -8.61 -4.61
C MET A 85 -6.99 -9.04 -4.86
N LYS A 86 -7.91 -8.55 -4.04
CA LYS A 86 -9.31 -8.92 -4.17
C LYS A 86 -9.87 -8.49 -5.52
N ASP A 87 -9.68 -7.21 -5.86
CA ASP A 87 -10.15 -6.68 -7.13
C ASP A 87 -11.68 -6.69 -7.20
N ASP A 88 -12.30 -7.78 -6.76
CA ASP A 88 -13.74 -7.90 -6.78
C ASP A 88 -14.38 -6.87 -5.84
N SER A 89 -13.54 -6.08 -5.19
CA SER A 89 -14.02 -5.06 -4.26
C SER A 89 -14.90 -4.05 -5.00
N LYS A 90 -14.71 -3.96 -6.31
CA LYS A 90 -15.50 -3.01 -7.10
C LYS A 90 -15.12 -1.58 -6.76
N GLY A 91 -15.88 -0.97 -5.86
CA GLY A 91 -15.62 0.40 -5.44
C GLY A 91 -16.80 0.97 -4.67
N LYS A 92 -16.71 2.27 -4.35
CA LYS A 92 -17.78 2.92 -3.60
C LYS A 92 -17.69 4.44 -3.76
N PHE A 93 -18.84 5.09 -3.96
CA PHE A 93 -18.87 6.53 -4.10
C PHE A 93 -17.88 6.99 -5.17
N LYS A 94 -18.40 7.59 -6.24
CA LYS A 94 -17.55 8.07 -7.32
C LYS A 94 -16.95 9.42 -6.98
N ARG A 95 -17.75 10.49 -7.14
CA ARG A 95 -17.28 11.84 -6.84
C ARG A 95 -15.91 12.09 -7.47
N PRO A 96 -15.53 13.32 -7.55
CA PRO A 96 -14.22 13.73 -8.14
C PRO A 96 -13.04 13.16 -7.36
N THR A 97 -11.97 12.84 -8.07
CA THR A 97 -10.77 12.29 -7.42
C THR A 97 -9.64 12.14 -8.43
N LEU A 98 -9.93 11.46 -9.54
CA LEU A 98 -8.94 11.26 -10.58
C LEU A 98 -9.49 10.36 -11.68
N ARG A 99 -9.49 9.05 -11.44
CA ARG A 99 -10.00 8.10 -12.41
C ARG A 99 -9.94 6.68 -11.86
N ARG A 100 -10.23 6.55 -10.56
CA ARG A 100 -10.22 5.24 -9.92
C ARG A 100 -8.82 4.61 -10.01
N VAL A 101 -7.94 5.01 -9.10
CA VAL A 101 -6.58 4.48 -9.10
C VAL A 101 -6.60 2.98 -9.37
N ARG A 102 -5.96 2.57 -10.46
CA ARG A 102 -5.91 1.15 -10.83
C ARG A 102 -4.47 0.63 -10.79
N ILE A 103 -3.69 1.12 -9.83
CA ILE A 103 -2.29 0.70 -9.69
C ILE A 103 -2.20 -0.76 -9.27
N SER A 104 -1.14 -1.44 -9.68
CA SER A 104 -0.97 -2.84 -9.32
C SER A 104 -0.17 -2.94 -8.03
N ALA A 105 -0.85 -3.30 -6.94
CA ALA A 105 -0.19 -3.42 -5.66
C ALA A 105 0.99 -4.36 -5.77
N ASP A 106 0.89 -5.33 -6.66
CA ASP A 106 1.97 -6.28 -6.87
C ASP A 106 3.22 -5.52 -7.30
N ALA A 107 3.03 -4.54 -8.19
CA ALA A 107 4.14 -3.73 -8.67
C ALA A 107 4.77 -2.98 -7.51
N MET A 108 3.92 -2.46 -6.63
CA MET A 108 4.38 -1.73 -5.45
C MET A 108 5.21 -2.64 -4.54
N MET A 109 4.75 -3.86 -4.36
CA MET A 109 5.46 -4.81 -3.50
C MET A 109 6.85 -5.04 -4.03
N GLN A 110 6.98 -5.17 -5.33
CA GLN A 110 8.28 -5.38 -5.94
C GLN A 110 9.18 -4.16 -5.71
N ALA A 111 8.60 -2.97 -5.83
CA ALA A 111 9.37 -1.75 -5.60
C ALA A 111 9.82 -1.66 -4.14
N LEU A 112 8.92 -2.03 -3.24
CA LEU A 112 9.21 -1.98 -1.81
C LEU A 112 10.15 -3.11 -1.39
N LEU A 113 9.92 -4.30 -1.93
CA LEU A 113 10.73 -5.46 -1.60
C LEU A 113 11.71 -5.79 -2.74
N GLY A 114 11.18 -5.87 -3.94
CA GLY A 114 12.01 -6.16 -5.11
C GLY A 114 12.67 -7.53 -4.97
N ALA A 115 13.99 -7.55 -5.10
CA ALA A 115 14.74 -8.80 -5.00
C ALA A 115 15.55 -8.84 -3.71
N ARG A 116 15.31 -7.87 -2.83
CA ARG A 116 16.02 -7.82 -1.55
C ARG A 116 15.17 -7.14 -0.49
N ALA A 117 15.50 -7.36 0.77
CA ALA A 117 14.75 -6.76 1.88
C ALA A 117 15.71 -6.11 2.88
N LYS A 118 16.67 -5.36 2.37
CA LYS A 118 17.65 -4.69 3.24
C LYS A 118 18.39 -5.72 4.09
N GLY A 119 18.64 -6.89 3.51
CA GLY A 119 19.34 -7.95 4.23
C GLY A 119 20.82 -7.61 4.39
N HIS A 120 21.44 -8.11 5.45
CA HIS A 120 22.84 -7.85 5.70
C HIS A 120 23.66 -9.13 5.55
N HIS A 121 23.04 -10.26 5.88
CA HIS A 121 23.71 -11.55 5.77
C HIS A 121 22.72 -12.65 5.42
N HIS A 122 21.46 -12.27 5.22
CA HIS A 122 20.42 -13.23 4.88
C HIS A 122 20.25 -13.33 3.37
N HIS A 123 20.12 -12.18 2.72
CA HIS A 123 19.94 -12.15 1.27
C HIS A 123 21.22 -12.61 0.57
N HIS A 124 22.32 -12.66 1.33
CA HIS A 124 23.60 -13.08 0.78
C HIS A 124 23.88 -14.54 1.15
N HIS A 125 23.95 -15.40 0.14
CA HIS A 125 24.22 -16.81 0.36
C HIS A 125 25.67 -17.02 0.82
N MET A 1 -11.82 0.24 8.03
CA MET A 1 -11.35 -1.17 8.02
C MET A 1 -12.55 -2.11 8.02
N ASP A 2 -12.76 -2.80 6.89
CA ASP A 2 -13.88 -3.72 6.76
C ASP A 2 -13.52 -5.08 7.36
N ASP A 3 -14.55 -5.83 7.76
CA ASP A 3 -14.33 -7.15 8.33
C ASP A 3 -13.64 -8.07 7.35
N ILE A 4 -14.05 -7.97 6.09
CA ILE A 4 -13.45 -8.79 5.04
C ILE A 4 -11.94 -8.57 4.97
N TYR A 5 -11.53 -7.31 4.98
CA TYR A 5 -10.11 -6.99 4.93
C TYR A 5 -9.40 -7.50 6.17
N LYS A 6 -10.05 -7.36 7.31
CA LYS A 6 -9.49 -7.83 8.58
C LYS A 6 -9.24 -9.33 8.50
N ALA A 7 -10.21 -10.05 7.95
CA ALA A 7 -10.09 -11.50 7.82
C ALA A 7 -8.92 -11.85 6.92
N ALA A 8 -8.74 -11.08 5.86
CA ALA A 8 -7.65 -11.32 4.92
C ALA A 8 -6.32 -11.24 5.63
N VAL A 9 -6.16 -10.25 6.50
CA VAL A 9 -4.91 -10.10 7.24
C VAL A 9 -4.65 -11.31 8.11
N GLU A 10 -5.70 -11.77 8.79
CA GLU A 10 -5.58 -12.94 9.67
C GLU A 10 -5.30 -14.20 8.85
N GLN A 11 -5.86 -14.24 7.64
CA GLN A 11 -5.67 -15.39 6.76
C GLN A 11 -4.21 -15.50 6.32
N LEU A 12 -3.57 -14.37 6.09
CA LEU A 12 -2.17 -14.37 5.67
C LEU A 12 -1.33 -15.19 6.61
N THR A 13 -0.46 -16.03 6.05
CA THR A 13 0.41 -16.88 6.85
C THR A 13 1.47 -16.04 7.55
N GLU A 14 2.34 -16.70 8.31
CA GLU A 14 3.38 -15.99 9.04
C GLU A 14 4.31 -15.24 8.08
N GLU A 15 4.72 -15.92 7.01
CA GLU A 15 5.59 -15.32 6.01
C GLU A 15 4.88 -14.16 5.30
N GLN A 16 3.60 -14.35 4.99
CA GLN A 16 2.83 -13.31 4.30
C GLN A 16 2.76 -12.04 5.15
N LYS A 17 2.42 -12.19 6.42
CA LYS A 17 2.33 -11.05 7.31
C LYS A 17 3.70 -10.39 7.46
N ASN A 18 4.73 -11.21 7.63
CA ASN A 18 6.08 -10.70 7.77
C ASN A 18 6.50 -9.94 6.52
N GLU A 19 6.18 -10.51 5.35
CA GLU A 19 6.54 -9.89 4.10
C GLU A 19 5.86 -8.51 3.96
N PHE A 20 4.56 -8.48 4.22
CA PHE A 20 3.82 -7.24 4.12
C PHE A 20 4.31 -6.25 5.17
N LYS A 21 4.52 -6.74 6.38
CA LYS A 21 4.96 -5.88 7.46
C LYS A 21 6.28 -5.21 7.10
N ALA A 22 7.16 -5.94 6.42
CA ALA A 22 8.45 -5.39 6.03
C ALA A 22 8.22 -4.17 5.15
N ALA A 23 7.24 -4.25 4.27
CA ALA A 23 6.91 -3.13 3.39
C ALA A 23 6.49 -1.92 4.23
N PHE A 24 5.74 -2.18 5.30
CA PHE A 24 5.27 -1.11 6.19
C PHE A 24 6.45 -0.31 6.72
N ASP A 25 7.46 -1.03 7.21
CA ASP A 25 8.65 -0.36 7.75
C ASP A 25 9.28 0.56 6.71
N ILE A 26 9.49 0.03 5.52
CA ILE A 26 10.09 0.80 4.44
C ILE A 26 9.12 1.88 3.98
N PHE A 27 7.84 1.53 3.92
CA PHE A 27 6.82 2.48 3.49
C PHE A 27 6.81 3.71 4.40
N VAL A 28 7.01 3.49 5.69
CA VAL A 28 7.02 4.59 6.65
C VAL A 28 8.46 5.05 6.92
N LEU A 29 9.34 4.83 5.94
CA LEU A 29 10.73 5.22 6.10
C LEU A 29 10.84 6.74 6.26
N GLY A 30 11.23 7.18 7.45
CA GLY A 30 11.37 8.60 7.72
C GLY A 30 10.05 9.21 8.18
N ALA A 31 9.02 8.38 8.30
CA ALA A 31 7.71 8.85 8.72
C ALA A 31 7.79 9.45 10.13
N GLU A 32 7.10 10.57 10.32
CA GLU A 32 7.10 11.23 11.62
C GLU A 32 6.36 10.37 12.66
N ASP A 33 5.25 9.76 12.23
CA ASP A 33 4.46 8.93 13.13
C ASP A 33 4.78 7.45 12.91
N GLY A 34 5.57 7.17 11.87
CA GLY A 34 5.94 5.80 11.56
C GLY A 34 4.91 5.14 10.64
N SER A 35 3.81 5.84 10.41
CA SER A 35 2.76 5.33 9.54
C SER A 35 2.94 5.84 8.11
N ILE A 36 2.22 5.23 7.17
CA ILE A 36 2.31 5.63 5.77
C ILE A 36 1.37 6.80 5.47
N SER A 37 1.94 7.89 4.95
CA SER A 37 1.15 9.07 4.62
C SER A 37 1.44 9.52 3.20
N THR A 38 1.01 10.73 2.86
CA THR A 38 1.25 11.25 1.52
C THR A 38 2.76 11.41 1.28
N LYS A 39 3.48 11.89 2.28
CA LYS A 39 4.92 12.06 2.15
C LYS A 39 5.59 10.72 1.85
N GLU A 40 5.26 9.72 2.65
CA GLU A 40 5.80 8.38 2.47
C GLU A 40 5.21 7.75 1.22
N LEU A 41 3.93 8.03 0.99
CA LEU A 41 3.22 7.48 -0.16
C LEU A 41 3.88 7.93 -1.45
N GLY A 42 4.15 9.22 -1.55
CA GLY A 42 4.80 9.77 -2.73
C GLY A 42 6.20 9.16 -2.91
N LYS A 43 6.91 9.00 -1.81
CA LYS A 43 8.26 8.42 -1.87
C LYS A 43 8.20 7.03 -2.50
N VAL A 44 7.28 6.21 -2.04
CA VAL A 44 7.13 4.87 -2.58
C VAL A 44 6.71 4.95 -4.05
N MET A 45 5.79 5.85 -4.34
CA MET A 45 5.31 6.02 -5.71
C MET A 45 6.47 6.40 -6.63
N ARG A 46 7.34 7.27 -6.14
CA ARG A 46 8.50 7.71 -6.92
C ARG A 46 9.40 6.51 -7.21
N MET A 47 9.52 5.63 -6.22
CA MET A 47 10.35 4.44 -6.37
C MET A 47 9.87 3.59 -7.54
N LEU A 48 8.55 3.50 -7.68
CA LEU A 48 7.95 2.71 -8.75
C LEU A 48 7.80 3.55 -10.02
N GLY A 49 8.40 4.73 -10.01
CA GLY A 49 8.32 5.62 -11.16
C GLY A 49 7.06 6.48 -11.12
N GLN A 50 6.26 6.30 -10.06
CA GLN A 50 5.02 7.05 -9.93
C GLN A 50 5.26 8.33 -9.12
N ASN A 51 4.42 9.33 -9.32
CA ASN A 51 4.55 10.58 -8.60
C ASN A 51 3.18 11.22 -8.36
N PRO A 52 2.34 10.54 -7.63
CA PRO A 52 0.97 11.05 -7.31
C PRO A 52 1.00 12.37 -6.53
N THR A 53 0.03 13.23 -6.77
CA THR A 53 -0.03 14.52 -6.08
C THR A 53 -0.51 14.33 -4.65
N PRO A 54 -0.27 15.29 -3.81
CA PRO A 54 -0.67 15.22 -2.38
C PRO A 54 -2.15 14.86 -2.21
N GLU A 55 -3.00 15.50 -3.01
CA GLU A 55 -4.43 15.24 -2.92
C GLU A 55 -4.71 13.77 -3.28
N GLU A 56 -4.08 13.31 -4.34
CA GLU A 56 -4.25 11.93 -4.78
C GLU A 56 -3.69 10.97 -3.73
N LEU A 57 -2.57 11.34 -3.13
CA LEU A 57 -1.92 10.51 -2.12
C LEU A 57 -2.84 10.34 -0.92
N GLN A 58 -3.52 11.41 -0.53
CA GLN A 58 -4.46 11.36 0.60
C GLN A 58 -5.65 10.46 0.27
N GLU A 59 -6.14 10.55 -0.97
CA GLU A 59 -7.27 9.75 -1.38
C GLU A 59 -6.94 8.26 -1.29
N MET A 60 -5.74 7.90 -1.72
CA MET A 60 -5.31 6.50 -1.67
C MET A 60 -5.28 6.02 -0.23
N ILE A 61 -4.74 6.84 0.66
CA ILE A 61 -4.67 6.48 2.07
C ILE A 61 -6.08 6.39 2.64
N ASP A 62 -6.99 7.19 2.09
CA ASP A 62 -8.37 7.21 2.55
C ASP A 62 -9.06 5.90 2.23
N GLU A 63 -8.62 5.26 1.15
CA GLU A 63 -9.20 3.99 0.72
C GLU A 63 -9.09 2.95 1.84
N VAL A 64 -7.95 2.92 2.50
CA VAL A 64 -7.74 1.97 3.59
C VAL A 64 -7.90 2.67 4.94
N ASP A 65 -8.09 3.98 4.89
CA ASP A 65 -8.28 4.76 6.11
C ASP A 65 -9.74 5.10 6.34
N GLU A 66 -10.52 4.10 6.77
CA GLU A 66 -11.93 4.29 7.04
C GLU A 66 -12.12 5.17 8.28
N ASP A 67 -11.17 5.09 9.20
CA ASP A 67 -11.26 5.88 10.42
C ASP A 67 -10.98 7.35 10.16
N GLY A 68 -10.65 7.66 8.91
CA GLY A 68 -10.39 9.05 8.54
C GLY A 68 -9.11 9.56 9.17
N SER A 69 -8.24 8.63 9.58
CA SER A 69 -6.99 9.00 10.21
C SER A 69 -6.13 9.84 9.26
N GLY A 70 -6.31 9.61 7.97
CA GLY A 70 -5.55 10.35 6.96
C GLY A 70 -4.22 9.67 6.67
N THR A 71 -3.91 8.64 7.46
CA THR A 71 -2.66 7.90 7.27
C THR A 71 -2.90 6.40 7.41
N VAL A 72 -1.95 5.61 6.94
CA VAL A 72 -2.06 4.15 7.00
C VAL A 72 -1.05 3.58 7.99
N ASP A 73 -1.54 2.79 8.94
CA ASP A 73 -0.67 2.18 9.94
C ASP A 73 -0.31 0.75 9.52
N PHE A 74 0.23 -0.01 10.46
CA PHE A 74 0.62 -1.39 10.17
C PHE A 74 -0.58 -2.21 9.71
N ASP A 75 -1.66 -2.15 10.47
CA ASP A 75 -2.87 -2.89 10.11
C ASP A 75 -3.51 -2.31 8.84
N GLU A 76 -3.49 -0.98 8.74
CA GLU A 76 -4.07 -0.32 7.59
C GLU A 76 -3.32 -0.68 6.32
N PHE A 77 -1.99 -0.74 6.40
CA PHE A 77 -1.19 -1.08 5.25
C PHE A 77 -1.47 -2.52 4.84
N LEU A 78 -1.74 -3.36 5.83
CA LEU A 78 -1.99 -4.75 5.56
C LEU A 78 -3.20 -4.89 4.66
N VAL A 79 -4.24 -4.13 4.97
CA VAL A 79 -5.45 -4.14 4.17
C VAL A 79 -5.14 -3.66 2.75
N MET A 80 -4.30 -2.63 2.64
CA MET A 80 -3.95 -2.10 1.32
C MET A 80 -3.61 -3.23 0.36
N MET A 81 -2.71 -4.11 0.78
CA MET A 81 -2.32 -5.23 -0.08
C MET A 81 -3.52 -6.14 -0.33
N VAL A 82 -4.28 -6.39 0.73
CA VAL A 82 -5.46 -7.24 0.63
C VAL A 82 -6.54 -6.59 -0.26
N ARG A 83 -6.70 -5.28 -0.09
CA ARG A 83 -7.68 -4.54 -0.87
C ARG A 83 -7.42 -4.69 -2.36
N SER A 84 -6.14 -4.59 -2.74
CA SER A 84 -5.78 -4.72 -4.14
C SER A 84 -6.12 -6.12 -4.64
N MET A 85 -5.86 -7.13 -3.82
CA MET A 85 -6.15 -8.50 -4.21
C MET A 85 -7.65 -8.72 -4.37
N LYS A 86 -8.39 -8.43 -3.30
CA LYS A 86 -9.84 -8.59 -3.32
C LYS A 86 -10.48 -7.60 -4.29
N ASP A 87 -10.01 -6.36 -4.24
CA ASP A 87 -10.53 -5.31 -5.11
C ASP A 87 -12.04 -5.16 -4.90
N ASP A 88 -12.42 -4.17 -4.10
CA ASP A 88 -13.83 -3.93 -3.83
C ASP A 88 -14.56 -3.55 -5.11
N SER A 89 -13.79 -3.18 -6.13
CA SER A 89 -14.38 -2.81 -7.42
C SER A 89 -15.18 -3.96 -8.00
N LYS A 90 -14.68 -5.18 -7.84
CA LYS A 90 -15.36 -6.36 -8.34
C LYS A 90 -15.42 -6.32 -9.86
N GLY A 91 -16.62 -6.11 -10.40
CA GLY A 91 -16.80 -6.04 -11.84
C GLY A 91 -16.46 -4.66 -12.37
N LYS A 92 -15.99 -4.61 -13.62
CA LYS A 92 -15.63 -3.34 -14.24
C LYS A 92 -16.39 -3.15 -15.56
N PHE A 93 -16.78 -1.91 -15.83
CA PHE A 93 -17.50 -1.60 -17.06
C PHE A 93 -17.42 -0.10 -17.37
N LYS A 94 -16.21 0.38 -17.60
CA LYS A 94 -16.01 1.79 -17.91
C LYS A 94 -16.65 2.66 -16.84
N ARG A 95 -15.83 3.35 -16.07
CA ARG A 95 -16.32 4.22 -15.00
C ARG A 95 -17.00 5.45 -15.58
N PRO A 96 -17.76 6.14 -14.78
CA PRO A 96 -18.50 7.36 -15.23
C PRO A 96 -17.57 8.41 -15.82
N THR A 97 -16.40 8.58 -15.22
CA THR A 97 -15.43 9.55 -15.70
C THR A 97 -14.19 9.55 -14.80
N LEU A 98 -13.20 10.38 -15.17
CA LEU A 98 -11.97 10.48 -14.40
C LEU A 98 -11.51 9.09 -13.95
N ARG A 99 -10.76 8.43 -14.82
CA ARG A 99 -10.25 7.10 -14.50
C ARG A 99 -9.67 7.07 -13.09
N ARG A 100 -10.03 6.02 -12.34
CA ARG A 100 -9.53 5.88 -10.97
C ARG A 100 -8.11 5.31 -10.97
N VAL A 101 -7.54 5.20 -9.78
CA VAL A 101 -6.18 4.67 -9.63
C VAL A 101 -6.14 3.19 -10.01
N ARG A 102 -5.20 2.83 -10.87
CA ARG A 102 -5.05 1.44 -11.31
C ARG A 102 -3.75 0.85 -10.80
N ILE A 103 -2.94 1.67 -10.14
CA ILE A 103 -1.66 1.23 -9.60
C ILE A 103 -1.77 -0.20 -9.07
N SER A 104 -0.77 -1.02 -9.35
CA SER A 104 -0.77 -2.41 -8.89
C SER A 104 -0.02 -2.51 -7.57
N ALA A 105 -0.72 -2.93 -6.53
CA ALA A 105 -0.10 -3.06 -5.22
C ALA A 105 1.06 -4.04 -5.29
N ASP A 106 0.89 -5.10 -6.07
CA ASP A 106 1.95 -6.10 -6.22
C ASP A 106 3.19 -5.44 -6.81
N ALA A 107 2.98 -4.52 -7.75
CA ALA A 107 4.09 -3.82 -8.39
C ALA A 107 4.86 -3.01 -7.34
N MET A 108 4.11 -2.40 -6.43
CA MET A 108 4.73 -1.60 -5.36
C MET A 108 5.60 -2.49 -4.47
N MET A 109 5.10 -3.68 -4.17
CA MET A 109 5.83 -4.60 -3.30
C MET A 109 7.18 -4.94 -3.92
N GLN A 110 7.19 -5.18 -5.22
CA GLN A 110 8.43 -5.51 -5.91
C GLN A 110 9.40 -4.32 -5.86
N ALA A 111 8.86 -3.12 -6.06
CA ALA A 111 9.69 -1.91 -6.02
C ALA A 111 10.19 -1.65 -4.60
N LEU A 112 9.30 -1.82 -3.63
CA LEU A 112 9.66 -1.59 -2.24
C LEU A 112 10.64 -2.66 -1.75
N LEU A 113 10.39 -3.91 -2.14
CA LEU A 113 11.26 -5.01 -1.76
C LEU A 113 12.54 -5.02 -2.57
N GLY A 114 12.42 -4.75 -3.86
CA GLY A 114 13.58 -4.74 -4.75
C GLY A 114 14.19 -3.35 -4.84
N ALA A 115 13.42 -2.40 -5.38
CA ALA A 115 13.90 -1.04 -5.52
C ALA A 115 15.19 -1.00 -6.34
N ARG A 116 15.45 0.13 -6.98
CA ARG A 116 16.66 0.27 -7.79
C ARG A 116 17.90 0.00 -6.96
N ALA A 117 18.57 -1.11 -7.25
CA ALA A 117 19.78 -1.48 -6.52
C ALA A 117 20.22 -2.89 -6.88
N LYS A 118 20.49 -3.10 -8.16
CA LYS A 118 20.92 -4.42 -8.63
C LYS A 118 19.85 -5.46 -8.37
N GLY A 119 20.18 -6.72 -8.61
CA GLY A 119 19.23 -7.81 -8.38
C GLY A 119 18.98 -8.01 -6.89
N HIS A 120 17.93 -8.76 -6.57
CA HIS A 120 17.60 -9.02 -5.17
C HIS A 120 18.79 -9.65 -4.44
N HIS A 121 19.06 -9.16 -3.24
CA HIS A 121 20.17 -9.67 -2.45
C HIS A 121 19.83 -11.04 -1.88
N HIS A 122 20.85 -11.90 -1.75
CA HIS A 122 20.66 -13.23 -1.21
C HIS A 122 21.77 -13.58 -0.23
N HIS A 123 21.41 -13.70 1.04
CA HIS A 123 22.38 -14.03 2.07
C HIS A 123 22.83 -15.49 1.94
N HIS A 124 24.14 -15.72 2.11
CA HIS A 124 24.68 -17.06 2.02
C HIS A 124 24.04 -17.96 3.08
N HIS A 125 23.97 -17.46 4.30
CA HIS A 125 23.38 -18.22 5.39
C HIS A 125 21.87 -18.35 5.21
N MET A 1 -13.33 -0.82 7.85
CA MET A 1 -12.13 -1.55 7.37
C MET A 1 -12.56 -2.84 6.68
N ASP A 2 -13.80 -3.24 6.94
CA ASP A 2 -14.34 -4.46 6.34
C ASP A 2 -13.81 -5.69 7.08
N ASP A 3 -14.74 -6.50 7.60
CA ASP A 3 -14.36 -7.70 8.33
C ASP A 3 -13.58 -8.65 7.43
N ILE A 4 -13.87 -8.60 6.14
CA ILE A 4 -13.18 -9.45 5.18
C ILE A 4 -11.71 -9.09 5.10
N TYR A 5 -11.42 -7.79 4.96
CA TYR A 5 -10.04 -7.35 4.88
C TYR A 5 -9.29 -7.68 6.15
N LYS A 6 -9.95 -7.50 7.28
CA LYS A 6 -9.33 -7.80 8.58
C LYS A 6 -9.00 -9.29 8.64
N ALA A 7 -9.94 -10.10 8.18
CA ALA A 7 -9.77 -11.55 8.18
C ALA A 7 -8.59 -11.93 7.28
N ALA A 8 -8.46 -11.23 6.17
CA ALA A 8 -7.37 -11.51 5.22
C ALA A 8 -6.02 -11.34 5.91
N VAL A 9 -5.89 -10.30 6.71
CA VAL A 9 -4.65 -10.05 7.41
C VAL A 9 -4.36 -11.20 8.38
N GLU A 10 -5.38 -11.59 9.13
CA GLU A 10 -5.23 -12.68 10.10
C GLU A 10 -5.05 -14.01 9.39
N GLN A 11 -5.61 -14.12 8.20
CA GLN A 11 -5.51 -15.33 7.41
C GLN A 11 -4.08 -15.57 6.98
N LEU A 12 -3.37 -14.49 6.66
CA LEU A 12 -1.98 -14.60 6.23
C LEU A 12 -1.13 -15.25 7.33
N THR A 13 -0.35 -16.25 6.94
CA THR A 13 0.49 -16.96 7.89
C THR A 13 1.51 -16.00 8.50
N GLU A 14 2.36 -16.52 9.38
CA GLU A 14 3.37 -15.68 10.04
C GLU A 14 4.29 -15.06 9.00
N GLU A 15 4.78 -15.88 8.06
CA GLU A 15 5.67 -15.38 7.02
C GLU A 15 4.96 -14.34 6.16
N GLN A 16 3.71 -14.60 5.80
CA GLN A 16 2.94 -13.67 4.98
C GLN A 16 2.74 -12.35 5.70
N LYS A 17 2.37 -12.41 6.98
CA LYS A 17 2.17 -11.21 7.77
C LYS A 17 3.49 -10.46 7.94
N ASN A 18 4.55 -11.21 8.18
CA ASN A 18 5.86 -10.60 8.37
C ASN A 18 6.30 -9.89 7.09
N GLU A 19 6.04 -10.53 5.95
CA GLU A 19 6.41 -9.94 4.66
C GLU A 19 5.70 -8.60 4.47
N PHE A 20 4.40 -8.59 4.73
CA PHE A 20 3.63 -7.36 4.58
C PHE A 20 4.10 -6.32 5.59
N LYS A 21 4.36 -6.77 6.80
CA LYS A 21 4.80 -5.86 7.84
C LYS A 21 6.13 -5.22 7.45
N ALA A 22 6.99 -6.01 6.83
CA ALA A 22 8.30 -5.51 6.41
C ALA A 22 8.12 -4.34 5.44
N ALA A 23 7.15 -4.49 4.54
CA ALA A 23 6.88 -3.43 3.57
C ALA A 23 6.45 -2.15 4.30
N PHE A 24 5.65 -2.32 5.35
CA PHE A 24 5.19 -1.19 6.14
C PHE A 24 6.36 -0.41 6.71
N ASP A 25 7.32 -1.12 7.27
CA ASP A 25 8.49 -0.47 7.85
C ASP A 25 9.19 0.38 6.81
N ILE A 26 9.39 -0.18 5.62
CA ILE A 26 10.05 0.56 4.54
C ILE A 26 9.14 1.67 4.03
N PHE A 27 7.85 1.37 3.91
CA PHE A 27 6.89 2.34 3.42
C PHE A 27 6.89 3.58 4.32
N VAL A 28 7.07 3.36 5.61
CA VAL A 28 7.09 4.46 6.58
C VAL A 28 8.52 4.80 6.97
N LEU A 29 9.46 4.57 6.06
CA LEU A 29 10.86 4.85 6.32
C LEU A 29 11.04 6.33 6.65
N GLY A 30 11.46 6.63 7.87
CA GLY A 30 11.68 8.00 8.28
C GLY A 30 10.36 8.66 8.71
N ALA A 31 9.28 7.89 8.66
CA ALA A 31 7.97 8.41 9.04
C ALA A 31 7.98 8.86 10.50
N GLU A 32 7.48 10.06 10.74
CA GLU A 32 7.42 10.60 12.10
C GLU A 32 6.50 9.76 12.98
N ASP A 33 5.34 9.41 12.44
CA ASP A 33 4.38 8.61 13.18
C ASP A 33 4.62 7.11 12.95
N GLY A 34 5.48 6.81 11.98
CA GLY A 34 5.80 5.42 11.66
C GLY A 34 4.79 4.84 10.70
N SER A 35 3.74 5.61 10.40
CA SER A 35 2.70 5.15 9.48
C SER A 35 2.98 5.68 8.08
N ILE A 36 2.20 5.24 7.11
CA ILE A 36 2.38 5.65 5.73
C ILE A 36 1.44 6.80 5.38
N SER A 37 1.99 7.93 4.97
CA SER A 37 1.17 9.08 4.61
C SER A 37 1.49 9.54 3.20
N THR A 38 1.04 10.74 2.86
CA THR A 38 1.30 11.27 1.53
C THR A 38 2.80 11.44 1.30
N LYS A 39 3.51 11.90 2.33
CA LYS A 39 4.95 12.09 2.20
C LYS A 39 5.65 10.77 1.89
N GLU A 40 5.32 9.74 2.68
CA GLU A 40 5.90 8.43 2.47
C GLU A 40 5.35 7.82 1.19
N LEU A 41 4.07 8.05 0.94
CA LEU A 41 3.42 7.52 -0.25
C LEU A 41 4.08 8.07 -1.50
N GLY A 42 4.34 9.36 -1.49
CA GLY A 42 4.97 10.00 -2.63
C GLY A 42 6.34 9.37 -2.88
N LYS A 43 7.08 9.13 -1.81
CA LYS A 43 8.40 8.50 -1.94
C LYS A 43 8.28 7.14 -2.60
N VAL A 44 7.36 6.32 -2.10
CA VAL A 44 7.15 4.99 -2.67
C VAL A 44 6.59 5.09 -4.08
N MET A 45 5.67 6.01 -4.29
CA MET A 45 5.06 6.19 -5.59
C MET A 45 6.11 6.59 -6.62
N ARG A 46 7.03 7.46 -6.21
CA ARG A 46 8.10 7.90 -7.10
C ARG A 46 8.96 6.72 -7.49
N MET A 47 9.17 5.82 -6.54
CA MET A 47 9.97 4.63 -6.78
C MET A 47 9.34 3.80 -7.89
N LEU A 48 8.02 3.72 -7.88
CA LEU A 48 7.29 2.94 -8.88
C LEU A 48 7.26 3.69 -10.22
N GLY A 49 7.76 4.92 -10.20
CA GLY A 49 7.78 5.75 -11.40
C GLY A 49 6.57 6.67 -11.46
N GLN A 50 5.78 6.68 -10.38
CA GLN A 50 4.59 7.53 -10.31
C GLN A 50 4.91 8.83 -9.58
N ASN A 51 4.15 9.88 -9.88
CA ASN A 51 4.36 11.16 -9.22
C ASN A 51 3.02 11.79 -8.87
N PRO A 52 2.25 11.14 -8.04
CA PRO A 52 0.93 11.67 -7.60
C PRO A 52 1.05 12.91 -6.73
N THR A 53 0.06 13.80 -6.82
CA THR A 53 0.06 15.03 -6.04
C THR A 53 -0.43 14.77 -4.63
N PRO A 54 -0.19 15.68 -3.73
CA PRO A 54 -0.61 15.53 -2.31
C PRO A 54 -2.09 15.26 -2.17
N GLU A 55 -2.88 15.94 -3.00
CA GLU A 55 -4.33 15.76 -2.95
C GLU A 55 -4.68 14.31 -3.28
N GLU A 56 -4.05 13.78 -4.32
CA GLU A 56 -4.29 12.41 -4.73
C GLU A 56 -3.72 11.44 -3.69
N LEU A 57 -2.56 11.78 -3.14
CA LEU A 57 -1.90 10.95 -2.15
C LEU A 57 -2.77 10.79 -0.91
N GLN A 58 -3.37 11.89 -0.47
CA GLN A 58 -4.24 11.86 0.69
C GLN A 58 -5.48 11.02 0.40
N GLU A 59 -6.02 11.17 -0.81
CA GLU A 59 -7.21 10.42 -1.20
C GLU A 59 -6.90 8.92 -1.23
N MET A 60 -5.72 8.57 -1.74
CA MET A 60 -5.33 7.17 -1.82
C MET A 60 -5.25 6.56 -0.42
N ILE A 61 -4.64 7.29 0.50
CA ILE A 61 -4.52 6.81 1.87
C ILE A 61 -5.90 6.72 2.51
N ASP A 62 -6.78 7.62 2.11
CA ASP A 62 -8.13 7.65 2.66
C ASP A 62 -8.87 6.36 2.32
N GLU A 63 -8.61 5.84 1.12
CA GLU A 63 -9.26 4.61 0.69
C GLU A 63 -8.94 3.45 1.62
N VAL A 64 -7.69 3.39 2.06
CA VAL A 64 -7.27 2.33 2.97
C VAL A 64 -7.49 2.74 4.42
N ASP A 65 -7.55 4.06 4.64
CA ASP A 65 -7.76 4.59 5.98
C ASP A 65 -9.24 4.70 6.28
N GLU A 66 -9.75 3.76 7.07
CA GLU A 66 -11.17 3.77 7.43
C GLU A 66 -11.41 4.57 8.71
N ASP A 67 -10.40 4.61 9.57
CA ASP A 67 -10.52 5.34 10.82
C ASP A 67 -10.37 6.84 10.60
N GLY A 68 -10.15 7.22 9.35
CA GLY A 68 -10.01 8.64 9.01
C GLY A 68 -8.74 9.22 9.60
N SER A 69 -7.80 8.33 9.91
CA SER A 69 -6.52 8.75 10.48
C SER A 69 -5.81 9.71 9.54
N GLY A 70 -5.93 9.44 8.25
CA GLY A 70 -5.29 10.27 7.24
C GLY A 70 -4.01 9.63 6.73
N THR A 71 -3.61 8.55 7.41
CA THR A 71 -2.42 7.81 7.03
C THR A 71 -2.66 6.31 7.12
N VAL A 72 -1.88 5.54 6.38
CA VAL A 72 -2.00 4.08 6.40
C VAL A 72 -1.06 3.48 7.44
N ASP A 73 -1.62 2.81 8.43
CA ASP A 73 -0.84 2.20 9.48
C ASP A 73 -0.50 0.76 9.13
N PHE A 74 -0.04 -0.01 10.11
CA PHE A 74 0.31 -1.41 9.88
C PHE A 74 -0.90 -2.20 9.37
N ASP A 75 -2.01 -2.09 10.08
CA ASP A 75 -3.21 -2.79 9.67
C ASP A 75 -3.77 -2.22 8.36
N GLU A 76 -3.66 -0.91 8.19
CA GLU A 76 -4.16 -0.26 7.00
C GLU A 76 -3.37 -0.67 5.76
N PHE A 77 -2.04 -0.74 5.87
CA PHE A 77 -1.24 -1.12 4.73
C PHE A 77 -1.53 -2.56 4.33
N LEU A 78 -1.78 -3.41 5.33
CA LEU A 78 -2.08 -4.82 5.06
C LEU A 78 -3.34 -4.94 4.23
N VAL A 79 -4.36 -4.16 4.59
CA VAL A 79 -5.62 -4.16 3.87
C VAL A 79 -5.42 -3.67 2.44
N MET A 80 -4.64 -2.60 2.27
CA MET A 80 -4.40 -2.06 0.94
C MET A 80 -3.98 -3.18 -0.02
N MET A 81 -3.03 -3.99 0.41
CA MET A 81 -2.55 -5.07 -0.46
C MET A 81 -3.64 -6.13 -0.63
N VAL A 82 -4.30 -6.47 0.46
CA VAL A 82 -5.37 -7.46 0.43
C VAL A 82 -6.52 -6.99 -0.47
N ARG A 83 -6.91 -5.73 -0.32
CA ARG A 83 -7.97 -5.16 -1.13
C ARG A 83 -7.61 -5.21 -2.61
N SER A 84 -6.38 -4.81 -2.94
CA SER A 84 -5.95 -4.82 -4.33
C SER A 84 -5.83 -6.25 -4.86
N MET A 85 -5.29 -7.14 -4.04
CA MET A 85 -5.13 -8.54 -4.44
C MET A 85 -6.48 -9.23 -4.57
N LYS A 86 -7.39 -8.93 -3.64
CA LYS A 86 -8.72 -9.54 -3.66
C LYS A 86 -9.77 -8.58 -4.20
N ASP A 87 -9.98 -7.48 -3.49
CA ASP A 87 -10.97 -6.49 -3.91
C ASP A 87 -12.38 -7.04 -3.76
N ASP A 88 -12.58 -7.84 -2.71
CA ASP A 88 -13.89 -8.43 -2.44
C ASP A 88 -14.94 -7.35 -2.22
N SER A 89 -14.48 -6.17 -1.84
CA SER A 89 -15.40 -5.06 -1.59
C SER A 89 -16.22 -4.75 -2.84
N LYS A 90 -15.56 -4.76 -3.99
CA LYS A 90 -16.25 -4.48 -5.25
C LYS A 90 -16.00 -5.60 -6.26
N GLY A 91 -16.01 -6.84 -5.78
CA GLY A 91 -15.78 -8.00 -6.64
C GLY A 91 -16.83 -8.08 -7.75
N LYS A 92 -18.06 -7.76 -7.39
CA LYS A 92 -19.16 -7.81 -8.35
C LYS A 92 -18.88 -6.88 -9.52
N PHE A 93 -18.14 -5.80 -9.26
CA PHE A 93 -17.80 -4.85 -10.31
C PHE A 93 -16.32 -4.46 -10.23
N LYS A 94 -15.98 -3.34 -10.86
CA LYS A 94 -14.60 -2.87 -10.84
C LYS A 94 -14.55 -1.37 -11.05
N ARG A 95 -15.03 -0.61 -10.06
CA ARG A 95 -15.03 0.84 -10.14
C ARG A 95 -15.58 1.29 -11.48
N PRO A 96 -15.80 2.57 -11.61
CA PRO A 96 -16.35 3.17 -12.86
C PRO A 96 -15.46 2.91 -14.06
N THR A 97 -14.24 2.42 -13.79
CA THR A 97 -13.28 2.13 -14.85
C THR A 97 -12.36 3.32 -15.09
N LEU A 98 -12.19 4.15 -14.07
CA LEU A 98 -11.34 5.33 -14.18
C LEU A 98 -11.71 6.36 -13.14
N ARG A 99 -10.83 7.33 -12.91
CA ARG A 99 -11.08 8.36 -11.92
C ARG A 99 -11.00 7.79 -10.51
N ARG A 100 -10.36 6.63 -10.38
CA ARG A 100 -10.23 6.00 -9.08
C ARG A 100 -8.76 5.68 -8.78
N VAL A 101 -8.28 4.57 -9.33
CA VAL A 101 -6.91 4.14 -9.12
C VAL A 101 -6.27 3.67 -10.41
N ARG A 102 -4.95 3.83 -10.49
CA ARG A 102 -4.23 3.43 -11.68
C ARG A 102 -2.90 2.76 -11.33
N ILE A 103 -2.71 2.48 -10.05
CA ILE A 103 -1.48 1.83 -9.58
C ILE A 103 -1.74 0.42 -9.12
N SER A 104 -0.89 -0.52 -9.55
CA SER A 104 -1.04 -1.90 -9.15
C SER A 104 -0.31 -2.16 -7.84
N ALA A 105 -1.01 -2.73 -6.88
CA ALA A 105 -0.42 -3.01 -5.59
C ALA A 105 0.75 -3.98 -5.75
N ASP A 106 0.58 -4.94 -6.66
CA ASP A 106 1.64 -5.92 -6.91
C ASP A 106 2.91 -5.22 -7.36
N ALA A 107 2.76 -4.23 -8.24
CA ALA A 107 3.90 -3.47 -8.75
C ALA A 107 4.59 -2.74 -7.60
N MET A 108 3.79 -2.16 -6.71
CA MET A 108 4.32 -1.44 -5.56
C MET A 108 5.13 -2.38 -4.66
N MET A 109 4.62 -3.59 -4.46
CA MET A 109 5.29 -4.54 -3.59
C MET A 109 6.68 -4.84 -4.11
N GLN A 110 6.79 -5.02 -5.43
CA GLN A 110 8.07 -5.29 -6.05
C GLN A 110 9.03 -4.12 -5.83
N ALA A 111 8.51 -2.91 -5.98
CA ALA A 111 9.33 -1.72 -5.81
C ALA A 111 9.90 -1.66 -4.40
N LEU A 112 9.08 -2.00 -3.41
CA LEU A 112 9.52 -1.96 -2.02
C LEU A 112 10.34 -3.19 -1.67
N LEU A 113 9.82 -4.37 -2.03
CA LEU A 113 10.50 -5.62 -1.75
C LEU A 113 11.82 -5.69 -2.51
N GLY A 114 11.79 -5.23 -3.76
CA GLY A 114 13.00 -5.25 -4.58
C GLY A 114 13.37 -6.67 -4.97
N ALA A 115 14.63 -6.85 -5.37
CA ALA A 115 15.11 -8.18 -5.76
C ALA A 115 16.64 -8.24 -5.68
N ARG A 116 17.18 -9.44 -5.66
CA ARG A 116 18.62 -9.64 -5.58
C ARG A 116 19.30 -9.08 -6.81
N ALA A 117 18.49 -8.67 -7.79
CA ALA A 117 19.02 -8.13 -9.03
C ALA A 117 19.94 -6.94 -8.75
N LYS A 118 21.14 -6.99 -9.32
CA LYS A 118 22.12 -5.91 -9.13
C LYS A 118 22.73 -5.50 -10.47
N GLY A 119 22.00 -5.76 -11.55
CA GLY A 119 22.48 -5.41 -12.88
C GLY A 119 22.46 -6.64 -13.80
N HIS A 120 23.06 -7.72 -13.34
CA HIS A 120 23.11 -8.96 -14.11
C HIS A 120 23.29 -8.64 -15.59
N HIS A 121 23.85 -7.47 -15.89
CA HIS A 121 24.07 -7.07 -17.27
C HIS A 121 22.75 -6.83 -18.00
N HIS A 122 21.90 -7.86 -18.03
CA HIS A 122 20.61 -7.75 -18.70
C HIS A 122 19.75 -6.70 -18.02
N HIS A 123 20.03 -6.42 -16.76
CA HIS A 123 19.27 -5.43 -16.01
C HIS A 123 19.99 -4.10 -16.00
N HIS A 124 19.46 -3.11 -16.72
CA HIS A 124 20.07 -1.80 -16.78
C HIS A 124 19.26 -0.78 -15.97
N HIS A 125 17.96 -0.75 -16.24
CA HIS A 125 17.07 0.18 -15.54
C HIS A 125 15.61 -0.22 -15.75
N MET A 1 -12.12 -0.24 6.06
CA MET A 1 -11.60 -1.55 6.55
C MET A 1 -12.77 -2.51 6.76
N ASP A 2 -13.14 -3.22 5.70
CA ASP A 2 -14.24 -4.16 5.78
C ASP A 2 -13.87 -5.35 6.67
N ASP A 3 -14.88 -6.01 7.21
CA ASP A 3 -14.65 -7.16 8.09
C ASP A 3 -13.84 -8.23 7.36
N ILE A 4 -14.04 -8.32 6.06
CA ILE A 4 -13.30 -9.29 5.24
C ILE A 4 -11.83 -8.91 5.16
N TYR A 5 -11.56 -7.60 5.01
CA TYR A 5 -10.19 -7.12 4.92
C TYR A 5 -9.44 -7.44 6.19
N LYS A 6 -10.10 -7.26 7.34
CA LYS A 6 -9.48 -7.56 8.63
C LYS A 6 -9.11 -9.04 8.71
N ALA A 7 -10.05 -9.90 8.28
CA ALA A 7 -9.81 -11.34 8.32
C ALA A 7 -8.64 -11.70 7.41
N ALA A 8 -8.57 -11.06 6.25
CA ALA A 8 -7.50 -11.35 5.29
C ALA A 8 -6.14 -11.11 5.94
N VAL A 9 -6.03 -10.03 6.68
CA VAL A 9 -4.77 -9.71 7.36
C VAL A 9 -4.42 -10.78 8.38
N GLU A 10 -5.41 -11.19 9.17
CA GLU A 10 -5.21 -12.22 10.18
C GLU A 10 -5.00 -13.58 9.54
N GLN A 11 -5.61 -13.78 8.38
CA GLN A 11 -5.50 -15.05 7.66
C GLN A 11 -4.07 -15.26 7.18
N LEU A 12 -3.40 -14.18 6.83
CA LEU A 12 -2.02 -14.27 6.35
C LEU A 12 -1.16 -15.03 7.36
N THR A 13 -0.33 -15.94 6.83
CA THR A 13 0.56 -16.73 7.68
C THR A 13 1.68 -15.85 8.23
N GLU A 14 2.58 -16.45 9.00
CA GLU A 14 3.69 -15.71 9.59
C GLU A 14 4.54 -15.06 8.50
N GLU A 15 4.85 -15.84 7.46
CA GLU A 15 5.65 -15.32 6.36
C GLU A 15 4.92 -14.19 5.63
N GLN A 16 3.62 -14.39 5.41
CA GLN A 16 2.83 -13.38 4.72
C GLN A 16 2.77 -12.08 5.53
N LYS A 17 2.54 -12.22 6.83
CA LYS A 17 2.49 -11.06 7.71
C LYS A 17 3.85 -10.37 7.76
N ASN A 18 4.91 -11.17 7.84
CA ASN A 18 6.27 -10.62 7.90
C ASN A 18 6.57 -9.83 6.62
N GLU A 19 6.17 -10.39 5.47
CA GLU A 19 6.41 -9.73 4.20
C GLU A 19 5.68 -8.39 4.14
N PHE A 20 4.41 -8.40 4.52
CA PHE A 20 3.62 -7.17 4.52
C PHE A 20 4.17 -6.18 5.54
N LYS A 21 4.55 -6.69 6.70
CA LYS A 21 5.08 -5.83 7.75
C LYS A 21 6.37 -5.15 7.29
N ALA A 22 7.19 -5.88 6.54
CA ALA A 22 8.44 -5.33 6.04
C ALA A 22 8.16 -4.12 5.16
N ALA A 23 7.15 -4.24 4.30
CA ALA A 23 6.77 -3.14 3.42
C ALA A 23 6.31 -1.94 4.25
N PHE A 24 5.59 -2.21 5.32
CA PHE A 24 5.11 -1.15 6.21
C PHE A 24 6.28 -0.33 6.75
N ASP A 25 7.30 -1.03 7.23
CA ASP A 25 8.47 -0.34 7.79
C ASP A 25 9.14 0.52 6.73
N ILE A 26 9.35 -0.05 5.55
CA ILE A 26 9.98 0.67 4.46
C ILE A 26 9.09 1.81 3.98
N PHE A 27 7.79 1.54 3.87
CA PHE A 27 6.83 2.54 3.43
C PHE A 27 6.87 3.76 4.35
N VAL A 28 6.98 3.50 5.65
CA VAL A 28 7.02 4.58 6.63
C VAL A 28 8.46 4.94 6.97
N LEU A 29 9.37 4.74 6.02
CA LEU A 29 10.78 5.04 6.23
C LEU A 29 10.96 6.52 6.60
N GLY A 30 11.52 6.77 7.78
CA GLY A 30 11.74 8.12 8.24
C GLY A 30 10.47 8.70 8.87
N ALA A 31 9.42 7.89 8.91
CA ALA A 31 8.15 8.32 9.49
C ALA A 31 8.21 8.27 11.02
N GLU A 32 8.10 9.43 11.65
CA GLU A 32 8.13 9.51 13.10
C GLU A 32 6.95 8.77 13.70
N ASP A 33 5.79 8.90 13.08
CA ASP A 33 4.59 8.23 13.56
C ASP A 33 4.61 6.75 13.19
N GLY A 34 5.32 6.43 12.12
CA GLY A 34 5.41 5.05 11.66
C GLY A 34 4.28 4.70 10.70
N SER A 35 3.42 5.68 10.43
CA SER A 35 2.30 5.48 9.52
C SER A 35 2.68 5.90 8.11
N ILE A 36 1.89 5.47 7.13
CA ILE A 36 2.15 5.82 5.73
C ILE A 36 1.21 6.92 5.28
N SER A 37 1.76 8.08 4.99
CA SER A 37 0.96 9.22 4.54
C SER A 37 1.37 9.63 3.12
N THR A 38 0.82 10.74 2.66
CA THR A 38 1.14 11.23 1.32
C THR A 38 2.63 11.52 1.20
N LYS A 39 3.24 11.98 2.29
CA LYS A 39 4.67 12.28 2.28
C LYS A 39 5.47 11.00 2.01
N GLU A 40 5.16 9.94 2.75
CA GLU A 40 5.83 8.66 2.56
C GLU A 40 5.31 7.96 1.30
N LEU A 41 4.03 8.18 1.02
CA LEU A 41 3.40 7.56 -0.15
C LEU A 41 4.07 8.02 -1.43
N GLY A 42 4.28 9.32 -1.55
CA GLY A 42 4.91 9.88 -2.74
C GLY A 42 6.28 9.25 -2.97
N LYS A 43 7.03 9.06 -1.89
CA LYS A 43 8.36 8.46 -1.97
C LYS A 43 8.28 7.07 -2.60
N VAL A 44 7.37 6.25 -2.10
CA VAL A 44 7.20 4.91 -2.62
C VAL A 44 6.72 4.94 -4.07
N MET A 45 5.72 5.78 -4.32
CA MET A 45 5.15 5.89 -5.67
C MET A 45 6.21 6.42 -6.64
N ARG A 46 7.04 7.34 -6.16
CA ARG A 46 8.09 7.92 -6.99
C ARG A 46 9.03 6.83 -7.46
N MET A 47 9.34 5.90 -6.57
CA MET A 47 10.21 4.78 -6.92
C MET A 47 9.58 3.93 -8.03
N LEU A 48 8.26 3.76 -7.93
CA LEU A 48 7.53 2.97 -8.92
C LEU A 48 7.56 3.66 -10.29
N GLY A 49 7.94 4.93 -10.29
CA GLY A 49 8.00 5.69 -11.53
C GLY A 49 6.80 6.63 -11.66
N GLN A 50 6.04 6.75 -10.57
CA GLN A 50 4.86 7.62 -10.58
C GLN A 50 5.10 8.85 -9.71
N ASN A 51 4.46 9.95 -10.07
CA ASN A 51 4.61 11.19 -9.31
C ASN A 51 3.24 11.79 -9.00
N PRO A 52 2.46 11.10 -8.21
CA PRO A 52 1.11 11.58 -7.81
C PRO A 52 1.18 12.79 -6.88
N THR A 53 0.15 13.62 -6.92
CA THR A 53 0.10 14.82 -6.08
C THR A 53 -0.48 14.48 -4.72
N PRO A 54 -0.31 15.37 -3.77
CA PRO A 54 -0.84 15.17 -2.39
C PRO A 54 -2.32 14.83 -2.38
N GLU A 55 -3.08 15.45 -3.27
CA GLU A 55 -4.52 15.18 -3.36
C GLU A 55 -4.76 13.72 -3.70
N GLU A 56 -4.03 13.21 -4.68
CA GLU A 56 -4.17 11.82 -5.09
C GLU A 56 -3.61 10.89 -4.01
N LEU A 57 -2.51 11.31 -3.40
CA LEU A 57 -1.86 10.49 -2.37
C LEU A 57 -2.79 10.31 -1.17
N GLN A 58 -3.48 11.38 -0.79
CA GLN A 58 -4.39 11.31 0.35
C GLN A 58 -5.57 10.40 0.04
N GLU A 59 -6.08 10.50 -1.19
CA GLU A 59 -7.22 9.68 -1.61
C GLU A 59 -6.85 8.20 -1.53
N MET A 60 -5.63 7.87 -1.92
CA MET A 60 -5.16 6.49 -1.89
C MET A 60 -5.19 5.97 -0.46
N ILE A 61 -4.71 6.78 0.48
CA ILE A 61 -4.70 6.39 1.88
C ILE A 61 -6.12 6.35 2.43
N ASP A 62 -6.97 7.24 1.93
CA ASP A 62 -8.36 7.32 2.38
C ASP A 62 -9.09 6.02 2.02
N GLU A 63 -8.63 5.36 0.97
CA GLU A 63 -9.26 4.12 0.54
C GLU A 63 -9.22 3.07 1.65
N VAL A 64 -8.07 2.96 2.32
CA VAL A 64 -7.92 2.00 3.39
C VAL A 64 -7.97 2.70 4.75
N ASP A 65 -8.09 4.02 4.72
CA ASP A 65 -8.15 4.78 5.96
C ASP A 65 -9.60 4.97 6.40
N GLU A 66 -10.09 4.04 7.21
CA GLU A 66 -11.46 4.10 7.70
C GLU A 66 -11.53 4.87 9.02
N ASP A 67 -10.41 4.91 9.74
CA ASP A 67 -10.36 5.60 11.01
C ASP A 67 -10.24 7.11 10.79
N GLY A 68 -10.13 7.52 9.54
CA GLY A 68 -10.02 8.94 9.20
C GLY A 68 -8.69 9.50 9.67
N SER A 69 -7.78 8.62 10.07
CA SER A 69 -6.48 9.05 10.55
C SER A 69 -5.70 9.75 9.45
N GLY A 70 -6.04 9.45 8.21
CA GLY A 70 -5.38 10.06 7.06
C GLY A 70 -4.06 9.35 6.76
N THR A 71 -3.75 8.33 7.55
CA THR A 71 -2.52 7.56 7.37
C THR A 71 -2.81 6.07 7.44
N VAL A 72 -1.87 5.27 6.94
CA VAL A 72 -2.03 3.83 6.94
C VAL A 72 -1.08 3.18 7.94
N ASP A 73 -1.66 2.46 8.90
CA ASP A 73 -0.86 1.78 9.93
C ASP A 73 -0.55 0.36 9.50
N PHE A 74 -0.07 -0.45 10.44
CA PHE A 74 0.27 -1.84 10.15
C PHE A 74 -0.95 -2.58 9.59
N ASP A 75 -2.06 -2.46 10.27
CA ASP A 75 -3.28 -3.14 9.83
C ASP A 75 -3.82 -2.51 8.55
N GLU A 76 -3.74 -1.19 8.47
CA GLU A 76 -4.25 -0.49 7.30
C GLU A 76 -3.43 -0.80 6.05
N PHE A 77 -2.11 -0.81 6.20
CA PHE A 77 -1.23 -1.08 5.07
C PHE A 77 -1.43 -2.51 4.59
N LEU A 78 -1.73 -3.41 5.52
CA LEU A 78 -1.96 -4.81 5.17
C LEU A 78 -3.22 -4.94 4.32
N VAL A 79 -4.26 -4.20 4.69
CA VAL A 79 -5.53 -4.22 3.96
C VAL A 79 -5.33 -3.68 2.56
N MET A 80 -4.53 -2.61 2.44
CA MET A 80 -4.28 -2.01 1.14
C MET A 80 -3.91 -3.08 0.11
N MET A 81 -2.97 -3.94 0.47
CA MET A 81 -2.54 -5.01 -0.45
C MET A 81 -3.70 -5.98 -0.69
N VAL A 82 -4.41 -6.33 0.37
CA VAL A 82 -5.54 -7.23 0.26
C VAL A 82 -6.65 -6.60 -0.59
N ARG A 83 -6.89 -5.32 -0.38
CA ARG A 83 -7.92 -4.61 -1.13
C ARG A 83 -7.62 -4.63 -2.62
N SER A 84 -6.34 -4.42 -2.97
CA SER A 84 -5.94 -4.41 -4.37
C SER A 84 -6.25 -5.75 -5.03
N MET A 85 -5.95 -6.83 -4.33
CA MET A 85 -6.21 -8.17 -4.87
C MET A 85 -7.69 -8.52 -4.72
N LYS A 86 -8.26 -8.21 -3.56
CA LYS A 86 -9.66 -8.50 -3.31
C LYS A 86 -10.55 -7.69 -4.25
N ASP A 87 -10.19 -6.44 -4.47
CA ASP A 87 -10.95 -5.57 -5.36
C ASP A 87 -12.42 -5.57 -4.96
N ASP A 88 -12.68 -5.55 -3.65
CA ASP A 88 -14.05 -5.55 -3.16
C ASP A 88 -14.80 -4.33 -3.66
N SER A 89 -14.16 -3.17 -3.60
CA SER A 89 -14.78 -1.94 -4.07
C SER A 89 -14.91 -1.95 -5.59
N LYS A 90 -14.04 -2.71 -6.24
CA LYS A 90 -14.06 -2.80 -7.70
C LYS A 90 -15.15 -3.76 -8.16
N GLY A 91 -15.62 -4.58 -7.24
CA GLY A 91 -16.67 -5.56 -7.56
C GLY A 91 -17.94 -4.84 -8.03
N LYS A 92 -18.26 -3.73 -7.39
CA LYS A 92 -19.45 -2.96 -7.74
C LYS A 92 -19.64 -1.79 -6.78
N PHE A 93 -18.54 -1.30 -6.23
CA PHE A 93 -18.60 -0.18 -5.30
C PHE A 93 -18.01 1.08 -5.94
N LYS A 94 -18.58 1.47 -7.07
CA LYS A 94 -18.11 2.67 -7.77
C LYS A 94 -19.08 3.83 -7.56
N ARG A 95 -18.52 5.04 -7.47
CA ARG A 95 -19.35 6.23 -7.26
C ARG A 95 -18.78 7.41 -8.03
N PRO A 96 -19.63 8.23 -8.57
CA PRO A 96 -19.21 9.43 -9.36
C PRO A 96 -18.40 10.41 -8.53
N THR A 97 -17.24 10.81 -9.06
CA THR A 97 -16.38 11.75 -8.37
C THR A 97 -15.11 12.01 -9.17
N LEU A 98 -14.02 12.31 -8.47
CA LEU A 98 -12.75 12.58 -9.13
C LEU A 98 -11.67 11.64 -8.61
N ARG A 99 -11.69 10.40 -9.08
CA ARG A 99 -10.70 9.42 -8.64
C ARG A 99 -10.41 8.42 -9.77
N ARG A 100 -9.30 7.72 -9.65
CA ARG A 100 -8.91 6.74 -10.66
C ARG A 100 -7.84 5.81 -10.13
N VAL A 101 -6.59 6.30 -10.10
CA VAL A 101 -5.48 5.49 -9.61
C VAL A 101 -5.44 4.15 -10.33
N ARG A 102 -4.34 3.90 -11.04
CA ARG A 102 -4.19 2.66 -11.77
C ARG A 102 -2.93 1.93 -11.33
N ILE A 103 -2.36 2.36 -10.21
CA ILE A 103 -1.16 1.73 -9.68
C ILE A 103 -1.47 0.39 -9.03
N SER A 104 -0.72 -0.65 -9.43
CA SER A 104 -0.91 -1.97 -8.87
C SER A 104 -0.14 -2.12 -7.55
N ALA A 105 -0.85 -2.54 -6.51
CA ALA A 105 -0.22 -2.71 -5.21
C ALA A 105 0.89 -3.75 -5.29
N ASP A 106 0.66 -4.81 -6.06
CA ASP A 106 1.67 -5.86 -6.23
C ASP A 106 2.93 -5.27 -6.86
N ALA A 107 2.74 -4.39 -7.85
CA ALA A 107 3.87 -3.75 -8.51
C ALA A 107 4.64 -2.87 -7.52
N MET A 108 3.89 -2.18 -6.67
CA MET A 108 4.50 -1.31 -5.67
C MET A 108 5.33 -2.14 -4.70
N MET A 109 4.79 -3.27 -4.27
CA MET A 109 5.49 -4.12 -3.32
C MET A 109 6.82 -4.59 -3.91
N GLN A 110 6.81 -4.91 -5.20
CA GLN A 110 8.02 -5.35 -5.87
C GLN A 110 9.08 -4.24 -5.85
N ALA A 111 8.63 -3.01 -6.07
CA ALA A 111 9.54 -1.86 -6.06
C ALA A 111 10.17 -1.68 -4.68
N LEU A 112 9.37 -1.88 -3.64
CA LEU A 112 9.84 -1.71 -2.28
C LEU A 112 10.84 -2.82 -1.93
N LEU A 113 10.47 -4.07 -2.24
CA LEU A 113 11.34 -5.20 -1.95
C LEU A 113 12.40 -5.37 -3.04
N GLY A 114 12.23 -4.65 -4.13
CA GLY A 114 13.17 -4.73 -5.24
C GLY A 114 14.52 -4.14 -4.85
N ALA A 115 15.35 -3.86 -5.85
CA ALA A 115 16.67 -3.29 -5.59
C ALA A 115 16.55 -2.03 -4.74
N ARG A 116 17.41 -1.91 -3.73
CA ARG A 116 17.39 -0.76 -2.84
C ARG A 116 17.73 0.51 -3.61
N ALA A 117 17.11 1.62 -3.21
CA ALA A 117 17.34 2.90 -3.87
C ALA A 117 17.08 4.06 -2.91
N LYS A 118 18.16 4.66 -2.41
CA LYS A 118 18.03 5.78 -1.48
C LYS A 118 18.52 7.07 -2.13
N GLY A 119 17.91 7.43 -3.25
CA GLY A 119 18.30 8.65 -3.96
C GLY A 119 19.35 8.36 -5.01
N HIS A 120 19.91 7.15 -4.97
CA HIS A 120 20.94 6.76 -5.93
C HIS A 120 20.70 5.33 -6.41
N HIS A 121 20.63 5.17 -7.73
CA HIS A 121 20.42 3.84 -8.31
C HIS A 121 20.72 3.86 -9.80
N HIS A 122 21.61 2.96 -10.22
CA HIS A 122 21.99 2.88 -11.63
C HIS A 122 22.63 1.53 -11.94
N HIS A 123 22.36 1.01 -13.13
CA HIS A 123 22.93 -0.26 -13.54
C HIS A 123 22.63 -1.35 -12.51
N HIS A 124 21.38 -1.77 -12.45
CA HIS A 124 20.97 -2.81 -11.50
C HIS A 124 21.56 -4.15 -11.89
N HIS A 125 21.90 -4.97 -10.89
CA HIS A 125 22.48 -6.28 -11.14
C HIS A 125 22.21 -7.21 -9.98
N MET A 1 -13.16 0.14 6.79
CA MET A 1 -12.51 -1.17 6.53
C MET A 1 -13.52 -2.29 6.75
N ASP A 2 -13.67 -3.15 5.76
CA ASP A 2 -14.61 -4.27 5.86
C ASP A 2 -14.05 -5.36 6.77
N ASP A 3 -14.96 -6.10 7.40
CA ASP A 3 -14.55 -7.20 8.28
C ASP A 3 -13.75 -8.24 7.51
N ILE A 4 -14.05 -8.35 6.23
CA ILE A 4 -13.35 -9.30 5.37
C ILE A 4 -11.88 -8.91 5.24
N TYR A 5 -11.62 -7.63 5.08
CA TYR A 5 -10.24 -7.14 4.94
C TYR A 5 -9.46 -7.45 6.21
N LYS A 6 -10.11 -7.25 7.35
CA LYS A 6 -9.46 -7.52 8.63
C LYS A 6 -9.08 -9.00 8.72
N ALA A 7 -10.01 -9.86 8.31
CA ALA A 7 -9.78 -11.30 8.34
C ALA A 7 -8.62 -11.66 7.43
N ALA A 8 -8.56 -11.01 6.27
CA ALA A 8 -7.50 -11.28 5.31
C ALA A 8 -6.14 -11.01 5.94
N VAL A 9 -6.04 -9.92 6.69
CA VAL A 9 -4.79 -9.58 7.34
C VAL A 9 -4.38 -10.67 8.33
N GLU A 10 -5.35 -11.12 9.12
CA GLU A 10 -5.10 -12.16 10.12
C GLU A 10 -4.84 -13.50 9.44
N GLN A 11 -5.45 -13.68 8.27
CA GLN A 11 -5.29 -14.92 7.52
C GLN A 11 -3.84 -15.06 7.03
N LEU A 12 -3.23 -13.95 6.66
CA LEU A 12 -1.86 -13.98 6.17
C LEU A 12 -0.99 -14.85 7.07
N THR A 13 -0.37 -15.86 6.48
CA THR A 13 0.50 -16.76 7.22
C THR A 13 1.68 -16.00 7.81
N GLU A 14 2.56 -16.71 8.50
CA GLU A 14 3.72 -16.07 9.12
C GLU A 14 4.57 -15.37 8.06
N GLU A 15 4.84 -16.07 6.96
CA GLU A 15 5.63 -15.49 5.89
C GLU A 15 4.96 -14.26 5.29
N GLN A 16 3.65 -14.36 5.06
CA GLN A 16 2.90 -13.24 4.49
C GLN A 16 2.91 -12.05 5.43
N LYS A 17 2.69 -12.31 6.72
CA LYS A 17 2.68 -11.25 7.71
C LYS A 17 4.07 -10.62 7.81
N ASN A 18 5.10 -11.47 7.79
CA ASN A 18 6.47 -10.98 7.87
C ASN A 18 6.81 -10.12 6.65
N GLU A 19 6.42 -10.59 5.47
CA GLU A 19 6.70 -9.87 4.24
C GLU A 19 5.99 -8.52 4.26
N PHE A 20 4.71 -8.53 4.63
CA PHE A 20 3.94 -7.30 4.69
C PHE A 20 4.48 -6.39 5.80
N LYS A 21 4.81 -6.98 6.93
CA LYS A 21 5.31 -6.21 8.05
C LYS A 21 6.59 -5.48 7.66
N ALA A 22 7.46 -6.16 6.92
CA ALA A 22 8.70 -5.56 6.49
C ALA A 22 8.42 -4.35 5.60
N ALA A 23 7.43 -4.49 4.73
CA ALA A 23 7.06 -3.39 3.84
C ALA A 23 6.59 -2.18 4.65
N PHE A 24 5.84 -2.45 5.71
CA PHE A 24 5.34 -1.38 6.57
C PHE A 24 6.49 -0.56 7.14
N ASP A 25 7.49 -1.24 7.68
CA ASP A 25 8.64 -0.55 8.26
C ASP A 25 9.33 0.32 7.20
N ILE A 26 9.55 -0.25 6.03
CA ILE A 26 10.19 0.49 4.94
C ILE A 26 9.26 1.59 4.43
N PHE A 27 7.98 1.27 4.33
CA PHE A 27 7.00 2.25 3.85
C PHE A 27 7.00 3.49 4.74
N VAL A 28 7.17 3.28 6.04
CA VAL A 28 7.19 4.38 6.99
C VAL A 28 8.63 4.81 7.26
N LEU A 29 9.51 4.61 6.28
CA LEU A 29 10.90 4.98 6.44
C LEU A 29 11.04 6.45 6.81
N GLY A 30 11.45 6.70 8.04
CA GLY A 30 11.62 8.08 8.51
C GLY A 30 10.29 8.66 8.98
N ALA A 31 9.24 7.87 8.91
CA ALA A 31 7.92 8.34 9.34
C ALA A 31 7.90 8.59 10.84
N GLU A 32 7.52 9.80 11.22
CA GLU A 32 7.46 10.16 12.64
C GLU A 32 6.41 9.32 13.36
N ASP A 33 5.26 9.14 12.72
CA ASP A 33 4.18 8.36 13.31
C ASP A 33 4.40 6.87 13.06
N GLY A 34 5.31 6.55 12.14
CA GLY A 34 5.60 5.17 11.82
C GLY A 34 4.57 4.60 10.85
N SER A 35 3.62 5.44 10.44
CA SER A 35 2.59 5.02 9.51
C SER A 35 2.82 5.64 8.14
N ILE A 36 2.26 5.02 7.11
CA ILE A 36 2.42 5.52 5.74
C ILE A 36 1.54 6.74 5.50
N SER A 37 2.16 7.84 5.09
CA SER A 37 1.42 9.06 4.83
C SER A 37 1.65 9.52 3.40
N THR A 38 1.06 10.65 3.04
CA THR A 38 1.22 11.17 1.68
C THR A 38 2.70 11.38 1.36
N LYS A 39 3.46 11.87 2.33
CA LYS A 39 4.88 12.10 2.12
C LYS A 39 5.58 10.78 1.80
N GLU A 40 5.31 9.76 2.61
CA GLU A 40 5.88 8.43 2.39
C GLU A 40 5.33 7.82 1.10
N LEU A 41 4.05 8.05 0.86
CA LEU A 41 3.42 7.53 -0.33
C LEU A 41 4.05 8.12 -1.59
N GLY A 42 4.29 9.42 -1.55
CA GLY A 42 4.89 10.11 -2.68
C GLY A 42 6.26 9.51 -3.02
N LYS A 43 7.07 9.28 -1.99
CA LYS A 43 8.40 8.72 -2.23
C LYS A 43 8.26 7.35 -2.88
N VAL A 44 7.38 6.52 -2.34
CA VAL A 44 7.15 5.18 -2.88
C VAL A 44 6.55 5.27 -4.28
N MET A 45 5.57 6.15 -4.44
CA MET A 45 4.90 6.31 -5.72
C MET A 45 5.90 6.74 -6.79
N ARG A 46 6.78 7.66 -6.42
CA ARG A 46 7.79 8.13 -7.36
C ARG A 46 8.70 6.99 -7.77
N MET A 47 8.97 6.10 -6.82
CA MET A 47 9.81 4.94 -7.07
C MET A 47 9.16 4.03 -8.11
N LEU A 48 7.83 3.91 -8.03
CA LEU A 48 7.08 3.04 -8.93
C LEU A 48 6.97 3.70 -10.30
N GLY A 49 7.34 4.97 -10.38
CA GLY A 49 7.27 5.71 -11.65
C GLY A 49 6.12 6.71 -11.63
N GLN A 50 5.41 6.78 -10.50
CA GLN A 50 4.29 7.72 -10.37
C GLN A 50 4.64 8.83 -9.39
N ASN A 51 4.18 10.03 -9.70
CA ASN A 51 4.45 11.18 -8.83
C ASN A 51 3.16 11.94 -8.54
N PRO A 52 2.25 11.32 -7.84
CA PRO A 52 0.94 11.96 -7.47
C PRO A 52 1.13 13.11 -6.47
N THR A 53 0.19 14.05 -6.49
CA THR A 53 0.26 15.21 -5.60
C THR A 53 -0.20 14.83 -4.20
N PRO A 54 0.11 15.65 -3.24
CA PRO A 54 -0.28 15.41 -1.82
C PRO A 54 -1.78 15.15 -1.67
N GLU A 55 -2.58 15.92 -2.39
CA GLU A 55 -4.03 15.75 -2.33
C GLU A 55 -4.42 14.37 -2.83
N GLU A 56 -3.82 13.96 -3.92
CA GLU A 56 -4.10 12.64 -4.49
C GLU A 56 -3.59 11.55 -3.56
N LEU A 57 -2.43 11.80 -2.96
CA LEU A 57 -1.79 10.81 -2.06
C LEU A 57 -2.70 10.52 -0.88
N GLN A 58 -3.31 11.56 -0.31
CA GLN A 58 -4.19 11.37 0.83
C GLN A 58 -5.47 10.63 0.41
N GLU A 59 -5.95 10.94 -0.79
CA GLU A 59 -7.16 10.29 -1.29
C GLU A 59 -6.95 8.79 -1.40
N MET A 60 -5.81 8.40 -1.94
CA MET A 60 -5.51 6.98 -2.07
C MET A 60 -5.49 6.32 -0.71
N ILE A 61 -4.82 6.96 0.23
CA ILE A 61 -4.75 6.44 1.60
C ILE A 61 -6.15 6.36 2.20
N ASP A 62 -6.96 7.35 1.89
CA ASP A 62 -8.32 7.40 2.41
C ASP A 62 -9.08 6.14 1.98
N GLU A 63 -8.72 5.59 0.83
CA GLU A 63 -9.38 4.39 0.32
C GLU A 63 -9.27 3.24 1.32
N VAL A 64 -8.08 3.03 1.85
CA VAL A 64 -7.86 1.96 2.80
C VAL A 64 -7.80 2.50 4.23
N ASP A 65 -7.99 3.82 4.34
CA ASP A 65 -7.97 4.48 5.65
C ASP A 65 -9.27 4.24 6.41
N GLU A 66 -9.15 3.82 7.66
CA GLU A 66 -10.33 3.57 8.49
C GLU A 66 -10.79 4.85 9.18
N ASP A 67 -9.86 5.56 9.80
CA ASP A 67 -10.20 6.78 10.50
C ASP A 67 -10.07 8.00 9.58
N GLY A 68 -9.67 7.75 8.34
CA GLY A 68 -9.52 8.83 7.38
C GLY A 68 -8.37 9.76 7.78
N SER A 69 -7.46 9.25 8.60
CA SER A 69 -6.32 10.05 9.04
C SER A 69 -5.47 10.48 7.86
N GLY A 70 -5.61 9.77 6.74
CA GLY A 70 -4.85 10.10 5.53
C GLY A 70 -3.55 9.31 5.48
N THR A 71 -3.37 8.39 6.42
CA THR A 71 -2.17 7.56 6.46
C THR A 71 -2.53 6.09 6.63
N VAL A 72 -1.62 5.22 6.21
CA VAL A 72 -1.83 3.79 6.32
C VAL A 72 -0.95 3.20 7.41
N ASP A 73 -1.58 2.56 8.39
CA ASP A 73 -0.85 1.97 9.50
C ASP A 73 -0.50 0.51 9.18
N PHE A 74 -0.09 -0.24 10.20
CA PHE A 74 0.27 -1.63 10.00
C PHE A 74 -0.91 -2.43 9.44
N ASP A 75 -2.06 -2.30 10.07
CA ASP A 75 -3.24 -3.00 9.60
C ASP A 75 -3.73 -2.42 8.29
N GLU A 76 -3.52 -1.11 8.11
CA GLU A 76 -3.95 -0.43 6.90
C GLU A 76 -3.11 -0.83 5.69
N PHE A 77 -1.78 -0.89 5.88
CA PHE A 77 -0.91 -1.24 4.78
C PHE A 77 -1.15 -2.69 4.36
N LEU A 78 -1.50 -3.54 5.34
CA LEU A 78 -1.77 -4.94 5.04
C LEU A 78 -3.02 -5.08 4.19
N VAL A 79 -4.03 -4.29 4.53
CA VAL A 79 -5.30 -4.31 3.80
C VAL A 79 -5.08 -3.85 2.37
N MET A 80 -4.25 -2.83 2.18
CA MET A 80 -3.98 -2.32 0.85
C MET A 80 -3.77 -3.47 -0.12
N MET A 81 -2.91 -4.41 0.24
CA MET A 81 -2.64 -5.55 -0.63
C MET A 81 -3.89 -6.41 -0.77
N VAL A 82 -4.53 -6.69 0.37
CA VAL A 82 -5.75 -7.50 0.37
C VAL A 82 -6.87 -6.79 -0.41
N ARG A 83 -7.00 -5.49 -0.18
CA ARG A 83 -8.02 -4.69 -0.84
C ARG A 83 -7.80 -4.70 -2.35
N SER A 84 -6.53 -4.60 -2.77
CA SER A 84 -6.22 -4.60 -4.18
C SER A 84 -6.57 -5.95 -4.82
N MET A 85 -6.35 -7.03 -4.08
CA MET A 85 -6.65 -8.37 -4.57
C MET A 85 -8.14 -8.52 -4.82
N LYS A 86 -8.96 -7.99 -3.91
CA LYS A 86 -10.40 -8.07 -4.04
C LYS A 86 -10.96 -6.82 -4.70
N ASP A 87 -10.70 -5.68 -4.10
CA ASP A 87 -11.18 -4.42 -4.63
C ASP A 87 -12.69 -4.45 -4.79
N ASP A 88 -13.39 -4.80 -3.72
CA ASP A 88 -14.85 -4.87 -3.76
C ASP A 88 -15.44 -3.52 -4.12
N SER A 89 -14.77 -2.45 -3.70
CA SER A 89 -15.25 -1.10 -3.99
C SER A 89 -15.37 -0.90 -5.50
N LYS A 90 -14.38 -1.39 -6.24
CA LYS A 90 -14.40 -1.25 -7.70
C LYS A 90 -14.82 -2.56 -8.35
N GLY A 91 -15.04 -3.59 -7.52
CA GLY A 91 -15.45 -4.89 -8.02
C GLY A 91 -16.98 -4.98 -8.10
N LYS A 92 -17.51 -6.19 -7.92
CA LYS A 92 -18.95 -6.38 -7.98
C LYS A 92 -19.68 -5.22 -7.30
N PHE A 93 -20.05 -4.23 -8.08
CA PHE A 93 -20.74 -3.06 -7.56
C PHE A 93 -21.06 -2.07 -8.68
N LYS A 94 -21.96 -1.13 -8.40
CA LYS A 94 -22.34 -0.13 -9.39
C LYS A 94 -21.57 1.17 -9.15
N ARG A 95 -20.50 1.37 -9.92
CA ARG A 95 -19.68 2.57 -9.79
C ARG A 95 -19.44 3.20 -11.16
N PRO A 96 -18.73 4.29 -11.18
CA PRO A 96 -18.40 5.03 -12.43
C PRO A 96 -17.31 4.36 -13.23
N THR A 97 -17.60 4.08 -14.49
CA THR A 97 -16.63 3.46 -15.36
C THR A 97 -16.32 2.04 -14.90
N LEU A 98 -15.38 1.91 -13.97
CA LEU A 98 -14.99 0.61 -13.47
C LEU A 98 -13.86 0.74 -12.44
N ARG A 99 -12.81 1.46 -12.83
CA ARG A 99 -11.68 1.65 -11.93
C ARG A 99 -11.03 3.02 -12.18
N ARG A 100 -10.85 3.78 -11.10
CA ARG A 100 -10.26 5.11 -11.22
C ARG A 100 -8.73 5.03 -11.15
N VAL A 101 -8.22 4.10 -10.35
CA VAL A 101 -6.78 3.95 -10.20
C VAL A 101 -6.30 2.67 -10.89
N ARG A 102 -5.23 2.80 -11.67
CA ARG A 102 -4.68 1.66 -12.40
C ARG A 102 -3.37 1.21 -11.76
N ILE A 103 -3.25 1.40 -10.45
CA ILE A 103 -2.05 1.01 -9.72
C ILE A 103 -2.17 -0.40 -9.17
N SER A 104 -1.16 -1.23 -9.41
CA SER A 104 -1.17 -2.60 -8.91
C SER A 104 -0.40 -2.68 -7.60
N ALA A 105 -1.06 -3.17 -6.56
CA ALA A 105 -0.42 -3.30 -5.26
C ALA A 105 0.80 -4.21 -5.37
N ASP A 106 0.68 -5.23 -6.19
CA ASP A 106 1.80 -6.17 -6.38
C ASP A 106 3.01 -5.42 -6.92
N ALA A 107 2.78 -4.47 -7.82
CA ALA A 107 3.87 -3.69 -8.39
C ALA A 107 4.58 -2.89 -7.31
N MET A 108 3.80 -2.30 -6.41
CA MET A 108 4.37 -1.53 -5.31
C MET A 108 5.20 -2.43 -4.41
N MET A 109 4.72 -3.62 -4.15
CA MET A 109 5.43 -4.55 -3.28
C MET A 109 6.79 -4.87 -3.88
N GLN A 110 6.83 -5.06 -5.18
CA GLN A 110 8.07 -5.35 -5.87
C GLN A 110 9.03 -4.18 -5.75
N ALA A 111 8.49 -2.96 -5.89
CA ALA A 111 9.31 -1.76 -5.78
C ALA A 111 9.87 -1.61 -4.36
N LEU A 112 9.02 -1.90 -3.38
CA LEU A 112 9.42 -1.79 -1.98
C LEU A 112 10.47 -2.85 -1.65
N LEU A 113 10.28 -4.06 -2.15
CA LEU A 113 11.20 -5.15 -1.90
C LEU A 113 12.42 -5.05 -2.81
N GLY A 114 12.19 -4.61 -4.05
CA GLY A 114 13.28 -4.49 -5.02
C GLY A 114 13.56 -3.02 -5.32
N ALA A 115 13.60 -2.69 -6.61
CA ALA A 115 13.87 -1.31 -7.02
C ALA A 115 15.32 -0.94 -6.77
N ARG A 116 16.24 -1.77 -7.25
CA ARG A 116 17.67 -1.54 -7.08
C ARG A 116 18.48 -2.44 -8.00
N ALA A 117 18.36 -3.75 -7.81
CA ALA A 117 19.10 -4.71 -8.62
C ALA A 117 20.55 -4.78 -8.16
N LYS A 118 20.77 -5.40 -7.00
CA LYS A 118 22.11 -5.53 -6.45
C LYS A 118 22.95 -6.49 -7.29
N GLY A 119 24.08 -6.91 -6.75
CA GLY A 119 24.98 -7.81 -7.46
C GLY A 119 24.60 -9.27 -7.21
N HIS A 120 23.57 -9.47 -6.39
CA HIS A 120 23.12 -10.82 -6.07
C HIS A 120 22.27 -11.38 -7.21
N HIS A 121 22.35 -10.74 -8.37
CA HIS A 121 21.58 -11.17 -9.53
C HIS A 121 20.10 -10.88 -9.32
N HIS A 122 19.67 -9.70 -9.73
CA HIS A 122 18.28 -9.29 -9.58
C HIS A 122 17.49 -9.49 -10.86
N HIS A 123 16.25 -9.94 -10.72
CA HIS A 123 15.40 -10.17 -11.88
C HIS A 123 14.20 -9.22 -11.85
N HIS A 124 14.12 -8.35 -12.86
CA HIS A 124 13.03 -7.39 -12.93
C HIS A 124 11.69 -8.11 -13.00
N HIS A 125 11.61 -9.11 -13.87
CA HIS A 125 10.36 -9.86 -14.02
C HIS A 125 10.53 -11.28 -13.48
N MET A 1 -13.76 -1.10 6.94
CA MET A 1 -12.91 -2.32 7.08
C MET A 1 -13.79 -3.56 6.95
N ASP A 2 -13.84 -4.12 5.75
CA ASP A 2 -14.66 -5.31 5.49
C ASP A 2 -14.14 -6.48 6.33
N ASP A 3 -15.05 -7.38 6.67
CA ASP A 3 -14.68 -8.55 7.46
C ASP A 3 -13.61 -9.36 6.75
N ILE A 4 -13.67 -9.33 5.42
CA ILE A 4 -12.70 -10.05 4.61
C ILE A 4 -11.30 -9.44 4.76
N TYR A 5 -11.23 -8.12 4.77
CA TYR A 5 -9.95 -7.44 4.90
C TYR A 5 -9.28 -7.82 6.21
N LYS A 6 -10.06 -7.82 7.29
CA LYS A 6 -9.53 -8.19 8.59
C LYS A 6 -9.10 -9.66 8.59
N ALA A 7 -9.93 -10.50 7.97
CA ALA A 7 -9.63 -11.92 7.87
C ALA A 7 -8.39 -12.13 7.02
N ALA A 8 -8.26 -11.35 5.95
CA ALA A 8 -7.12 -11.48 5.06
C ALA A 8 -5.83 -11.24 5.81
N VAL A 9 -5.83 -10.23 6.66
CA VAL A 9 -4.64 -9.91 7.44
C VAL A 9 -4.30 -11.05 8.39
N GLU A 10 -5.32 -11.56 9.07
CA GLU A 10 -5.15 -12.65 10.03
C GLU A 10 -4.81 -13.94 9.32
N GLN A 11 -5.30 -14.09 8.09
CA GLN A 11 -5.05 -15.28 7.30
C GLN A 11 -3.57 -15.39 6.93
N LEU A 12 -2.95 -14.24 6.64
CA LEU A 12 -1.54 -14.24 6.27
C LEU A 12 -0.70 -14.87 7.38
N THR A 13 0.01 -15.94 7.04
CA THR A 13 0.85 -16.63 8.00
C THR A 13 1.96 -15.69 8.49
N GLU A 14 2.84 -16.22 9.34
CA GLU A 14 3.91 -15.41 9.90
C GLU A 14 4.77 -14.83 8.78
N GLU A 15 5.09 -15.67 7.80
CA GLU A 15 5.90 -15.21 6.67
C GLU A 15 5.16 -14.15 5.87
N GLN A 16 3.87 -14.38 5.62
CA GLN A 16 3.06 -13.43 4.86
C GLN A 16 2.91 -12.12 5.62
N LYS A 17 2.65 -12.22 6.92
CA LYS A 17 2.49 -11.04 7.75
C LYS A 17 3.81 -10.30 7.84
N ASN A 18 4.90 -11.07 7.98
CA ASN A 18 6.23 -10.48 8.07
C ASN A 18 6.55 -9.71 6.78
N GLU A 19 6.17 -10.26 5.64
CA GLU A 19 6.40 -9.62 4.36
C GLU A 19 5.72 -8.24 4.32
N PHE A 20 4.46 -8.22 4.72
CA PHE A 20 3.71 -6.97 4.73
C PHE A 20 4.31 -6.02 5.75
N LYS A 21 4.72 -6.55 6.89
CA LYS A 21 5.29 -5.73 7.94
C LYS A 21 6.56 -5.04 7.43
N ALA A 22 7.37 -5.78 6.69
CA ALA A 22 8.60 -5.24 6.15
C ALA A 22 8.31 -4.05 5.25
N ALA A 23 7.27 -4.18 4.41
CA ALA A 23 6.87 -3.11 3.52
C ALA A 23 6.45 -1.88 4.31
N PHE A 24 5.72 -2.12 5.40
CA PHE A 24 5.25 -1.03 6.26
C PHE A 24 6.44 -0.24 6.80
N ASP A 25 7.45 -0.94 7.27
CA ASP A 25 8.64 -0.29 7.82
C ASP A 25 9.30 0.60 6.77
N ILE A 26 9.46 0.07 5.56
CA ILE A 26 10.08 0.84 4.48
C ILE A 26 9.22 2.02 4.09
N PHE A 27 7.92 1.80 4.01
CA PHE A 27 7.00 2.87 3.66
C PHE A 27 7.12 4.04 4.62
N VAL A 28 7.22 3.73 5.91
CA VAL A 28 7.34 4.76 6.92
C VAL A 28 8.82 4.98 7.28
N LEU A 29 9.70 4.74 6.32
CA LEU A 29 11.13 4.91 6.55
C LEU A 29 11.43 6.30 7.12
N GLY A 30 11.69 6.37 8.41
CA GLY A 30 12.00 7.63 9.06
C GLY A 30 10.72 8.40 9.40
N ALA A 31 9.58 7.81 9.09
CA ALA A 31 8.30 8.47 9.37
C ALA A 31 8.21 8.84 10.85
N GLU A 32 7.85 10.09 11.11
CA GLU A 32 7.73 10.56 12.49
C GLU A 32 6.65 9.79 13.23
N ASP A 33 5.51 9.58 12.58
CA ASP A 33 4.40 8.86 13.19
C ASP A 33 4.60 7.36 13.06
N GLY A 34 5.44 6.97 12.11
CA GLY A 34 5.72 5.56 11.87
C GLY A 34 4.65 4.94 10.97
N SER A 35 3.66 5.74 10.61
CA SER A 35 2.59 5.26 9.74
C SER A 35 2.78 5.78 8.32
N ILE A 36 2.14 5.13 7.36
CA ILE A 36 2.25 5.53 5.97
C ILE A 36 1.40 6.77 5.69
N SER A 37 2.03 7.79 5.13
CA SER A 37 1.32 9.02 4.81
C SER A 37 1.54 9.42 3.36
N THR A 38 0.95 10.52 2.94
CA THR A 38 1.10 10.98 1.57
C THR A 38 2.57 11.18 1.23
N LYS A 39 3.33 11.73 2.17
CA LYS A 39 4.75 11.96 1.93
C LYS A 39 5.46 10.62 1.71
N GLU A 40 5.18 9.66 2.58
CA GLU A 40 5.77 8.33 2.46
C GLU A 40 5.25 7.63 1.21
N LEU A 41 3.96 7.81 0.95
CA LEU A 41 3.34 7.20 -0.22
C LEU A 41 3.99 7.71 -1.49
N GLY A 42 4.16 9.01 -1.57
CA GLY A 42 4.78 9.61 -2.74
C GLY A 42 6.17 9.05 -2.96
N LYS A 43 6.91 8.85 -1.88
CA LYS A 43 8.26 8.30 -1.99
C LYS A 43 8.24 6.94 -2.67
N VAL A 44 7.35 6.06 -2.21
CA VAL A 44 7.24 4.74 -2.81
C VAL A 44 6.70 4.83 -4.23
N MET A 45 5.69 5.66 -4.43
CA MET A 45 5.09 5.81 -5.75
C MET A 45 6.12 6.34 -6.74
N ARG A 46 6.96 7.27 -6.29
CA ARG A 46 8.00 7.81 -7.14
C ARG A 46 8.96 6.72 -7.56
N MET A 47 9.25 5.82 -6.63
CA MET A 47 10.13 4.70 -6.94
C MET A 47 9.56 3.86 -8.07
N LEU A 48 8.24 3.76 -8.11
CA LEU A 48 7.58 2.97 -9.14
C LEU A 48 7.53 3.74 -10.45
N GLY A 49 8.00 4.99 -10.43
CA GLY A 49 8.00 5.83 -11.62
C GLY A 49 6.78 6.75 -11.63
N GLN A 50 6.03 6.77 -10.54
CA GLN A 50 4.85 7.62 -10.43
C GLN A 50 5.21 8.98 -9.84
N ASN A 51 4.37 9.97 -10.12
CA ASN A 51 4.61 11.31 -9.60
C ASN A 51 3.31 11.92 -9.09
N PRO A 52 2.63 11.23 -8.21
CA PRO A 52 1.35 11.71 -7.62
C PRO A 52 1.55 12.89 -6.66
N THR A 53 0.57 13.77 -6.61
CA THR A 53 0.64 14.93 -5.73
C THR A 53 0.11 14.58 -4.35
N PRO A 54 0.38 15.41 -3.38
CA PRO A 54 -0.08 15.18 -2.00
C PRO A 54 -1.59 15.01 -1.90
N GLU A 55 -2.31 15.81 -2.68
CA GLU A 55 -3.76 15.74 -2.67
C GLU A 55 -4.22 14.34 -3.08
N GLU A 56 -3.62 13.84 -4.17
CA GLU A 56 -3.95 12.52 -4.66
C GLU A 56 -3.53 11.45 -3.65
N LEU A 57 -2.37 11.67 -3.04
CA LEU A 57 -1.84 10.73 -2.05
C LEU A 57 -2.78 10.63 -0.86
N GLN A 58 -3.31 11.77 -0.42
CA GLN A 58 -4.22 11.79 0.73
C GLN A 58 -5.48 10.99 0.43
N GLU A 59 -6.00 11.14 -0.78
CA GLU A 59 -7.20 10.42 -1.18
C GLU A 59 -6.92 8.91 -1.18
N MET A 60 -5.74 8.53 -1.63
CA MET A 60 -5.37 7.12 -1.67
C MET A 60 -5.42 6.53 -0.28
N ILE A 61 -4.79 7.19 0.67
CA ILE A 61 -4.80 6.73 2.05
C ILE A 61 -6.25 6.63 2.55
N ASP A 62 -7.10 7.52 2.06
CA ASP A 62 -8.49 7.53 2.47
C ASP A 62 -9.18 6.24 2.04
N GLU A 63 -8.75 5.70 0.90
CA GLU A 63 -9.35 4.47 0.38
C GLU A 63 -9.21 3.33 1.37
N VAL A 64 -8.04 3.20 1.98
CA VAL A 64 -7.80 2.14 2.94
C VAL A 64 -7.92 2.68 4.36
N ASP A 65 -8.20 3.97 4.48
CA ASP A 65 -8.35 4.60 5.78
C ASP A 65 -9.76 4.42 6.32
N GLU A 66 -9.91 3.54 7.29
CA GLU A 66 -11.22 3.27 7.88
C GLU A 66 -11.53 4.25 9.00
N ASP A 67 -10.53 4.50 9.85
CA ASP A 67 -10.72 5.41 10.97
C ASP A 67 -10.61 6.86 10.51
N GLY A 68 -10.32 7.06 9.22
CA GLY A 68 -10.21 8.40 8.68
C GLY A 68 -9.01 9.14 9.26
N SER A 69 -8.05 8.37 9.77
CA SER A 69 -6.86 8.98 10.38
C SER A 69 -6.12 9.85 9.37
N GLY A 70 -6.27 9.52 8.09
CA GLY A 70 -5.61 10.29 7.04
C GLY A 70 -4.30 9.62 6.62
N THR A 71 -3.89 8.62 7.37
CA THR A 71 -2.66 7.88 7.07
C THR A 71 -2.89 6.38 7.14
N VAL A 72 -2.00 5.62 6.52
CA VAL A 72 -2.11 4.17 6.53
C VAL A 72 -1.15 3.58 7.55
N ASP A 73 -1.71 2.93 8.56
CA ASP A 73 -0.90 2.31 9.61
C ASP A 73 -0.60 0.86 9.26
N PHE A 74 -0.12 0.10 10.24
CA PHE A 74 0.21 -1.31 10.02
C PHE A 74 -1.00 -2.07 9.52
N ASP A 75 -2.13 -1.91 10.20
CA ASP A 75 -3.35 -2.58 9.78
C ASP A 75 -3.85 -2.01 8.46
N GLU A 76 -3.69 -0.70 8.28
CA GLU A 76 -4.17 -0.03 7.07
C GLU A 76 -3.35 -0.42 5.84
N PHE A 77 -2.02 -0.47 5.97
CA PHE A 77 -1.19 -0.81 4.83
C PHE A 77 -1.45 -2.27 4.44
N LEU A 78 -1.72 -3.11 5.44
CA LEU A 78 -2.00 -4.52 5.19
C LEU A 78 -3.26 -4.68 4.34
N VAL A 79 -4.28 -3.91 4.68
CA VAL A 79 -5.54 -3.96 3.95
C VAL A 79 -5.36 -3.42 2.55
N MET A 80 -4.58 -2.35 2.40
CA MET A 80 -4.37 -1.75 1.09
C MET A 80 -3.89 -2.79 0.10
N MET A 81 -2.94 -3.62 0.53
CA MET A 81 -2.43 -4.66 -0.35
C MET A 81 -3.52 -5.72 -0.60
N VAL A 82 -4.23 -6.06 0.48
CA VAL A 82 -5.31 -7.04 0.39
C VAL A 82 -6.48 -6.51 -0.44
N ARG A 83 -6.81 -5.23 -0.26
CA ARG A 83 -7.91 -4.61 -0.97
C ARG A 83 -7.69 -4.68 -2.48
N SER A 84 -6.48 -4.32 -2.93
CA SER A 84 -6.17 -4.36 -4.35
C SER A 84 -6.25 -5.78 -4.89
N MET A 85 -5.58 -6.70 -4.20
CA MET A 85 -5.57 -8.11 -4.61
C MET A 85 -6.98 -8.69 -4.58
N LYS A 86 -7.80 -8.17 -3.69
CA LYS A 86 -9.18 -8.65 -3.56
C LYS A 86 -9.88 -8.59 -4.91
N ASP A 87 -9.66 -7.51 -5.65
CA ASP A 87 -10.30 -7.38 -6.96
C ASP A 87 -9.58 -6.32 -7.79
N ASP A 88 -9.38 -6.61 -9.07
CA ASP A 88 -8.70 -5.68 -9.95
C ASP A 88 -9.69 -4.66 -10.51
N SER A 89 -10.06 -4.83 -11.78
CA SER A 89 -11.01 -3.93 -12.43
C SER A 89 -12.36 -3.99 -11.73
N LYS A 90 -12.79 -5.21 -11.42
CA LYS A 90 -14.08 -5.42 -10.77
C LYS A 90 -14.06 -4.88 -9.35
N GLY A 91 -12.87 -4.59 -8.85
CA GLY A 91 -12.72 -4.07 -7.50
C GLY A 91 -13.34 -2.69 -7.38
N LYS A 92 -14.67 -2.62 -7.51
CA LYS A 92 -15.37 -1.34 -7.40
C LYS A 92 -15.13 -0.72 -6.03
N PHE A 93 -15.28 -1.52 -4.99
CA PHE A 93 -15.08 -1.04 -3.63
C PHE A 93 -15.57 0.39 -3.49
N LYS A 94 -16.69 0.70 -4.14
CA LYS A 94 -17.25 2.04 -4.08
C LYS A 94 -16.19 3.08 -4.45
N ARG A 95 -15.59 2.92 -5.62
CA ARG A 95 -14.56 3.83 -6.10
C ARG A 95 -15.17 5.18 -6.47
N PRO A 96 -14.35 6.17 -6.61
CA PRO A 96 -14.81 7.56 -6.94
C PRO A 96 -15.63 7.61 -8.22
N THR A 97 -14.96 7.43 -9.35
CA THR A 97 -15.63 7.46 -10.64
C THR A 97 -14.63 7.67 -11.77
N LEU A 98 -15.08 7.44 -13.00
CA LEU A 98 -14.23 7.62 -14.17
C LEU A 98 -12.98 6.74 -14.08
N ARG A 99 -11.86 7.34 -13.70
CA ARG A 99 -10.62 6.59 -13.57
C ARG A 99 -9.47 7.53 -13.16
N ARG A 100 -9.15 7.51 -11.87
CA ARG A 100 -8.08 8.35 -11.36
C ARG A 100 -7.01 7.50 -10.67
N VAL A 101 -7.37 6.27 -10.33
CA VAL A 101 -6.43 5.38 -9.67
C VAL A 101 -6.32 4.07 -10.44
N ARG A 102 -5.10 3.73 -10.85
CA ARG A 102 -4.87 2.49 -11.60
C ARG A 102 -3.53 1.87 -11.19
N ILE A 103 -3.05 2.22 -10.01
CA ILE A 103 -1.78 1.68 -9.52
C ILE A 103 -1.92 0.21 -9.13
N SER A 104 -0.99 -0.62 -9.61
CA SER A 104 -1.04 -2.04 -9.29
C SER A 104 -0.34 -2.29 -7.96
N ALA A 105 -1.09 -2.79 -6.99
CA ALA A 105 -0.53 -3.06 -5.68
C ALA A 105 0.59 -4.09 -5.79
N ASP A 106 0.38 -5.09 -6.65
CA ASP A 106 1.38 -6.13 -6.86
C ASP A 106 2.68 -5.51 -7.36
N ALA A 107 2.54 -4.54 -8.26
CA ALA A 107 3.71 -3.85 -8.82
C ALA A 107 4.47 -3.12 -7.72
N MET A 108 3.72 -2.47 -6.85
CA MET A 108 4.31 -1.74 -5.73
C MET A 108 5.07 -2.67 -4.80
N MET A 109 4.48 -3.82 -4.51
CA MET A 109 5.10 -4.79 -3.62
C MET A 109 6.42 -5.26 -4.20
N GLN A 110 6.44 -5.50 -5.50
CA GLN A 110 7.65 -5.95 -6.17
C GLN A 110 8.74 -4.91 -6.04
N ALA A 111 8.37 -3.64 -6.19
CA ALA A 111 9.33 -2.56 -6.08
C ALA A 111 9.94 -2.52 -4.67
N LEU A 112 9.09 -2.67 -3.67
CA LEU A 112 9.53 -2.65 -2.28
C LEU A 112 10.27 -3.93 -1.92
N LEU A 113 9.70 -5.07 -2.32
CA LEU A 113 10.29 -6.38 -2.04
C LEU A 113 11.58 -6.56 -2.82
N GLY A 114 11.58 -6.08 -4.06
CA GLY A 114 12.74 -6.20 -4.92
C GLY A 114 13.86 -5.31 -4.43
N ALA A 115 15.05 -5.47 -5.00
CA ALA A 115 16.20 -4.68 -4.59
C ALA A 115 15.95 -3.20 -4.87
N ARG A 116 15.04 -2.61 -4.11
CA ARG A 116 14.72 -1.21 -4.26
C ARG A 116 14.47 -0.87 -5.72
N ALA A 117 13.52 -1.56 -6.34
CA ALA A 117 13.22 -1.32 -7.75
C ALA A 117 14.47 -0.85 -8.49
N LYS A 118 15.57 -1.57 -8.33
CA LYS A 118 16.83 -1.20 -8.98
C LYS A 118 16.65 -1.14 -10.50
N GLY A 119 15.65 -1.86 -11.01
CA GLY A 119 15.38 -1.88 -12.44
C GLY A 119 14.53 -0.68 -12.85
N HIS A 120 14.14 0.14 -11.87
CA HIS A 120 13.32 1.31 -12.15
C HIS A 120 12.15 0.95 -13.05
N HIS A 121 11.56 1.95 -13.68
CA HIS A 121 10.42 1.72 -14.56
C HIS A 121 10.85 1.88 -16.02
N HIS A 122 12.16 1.96 -16.25
CA HIS A 122 12.68 2.12 -17.60
C HIS A 122 14.08 1.53 -17.71
N HIS A 123 14.54 0.89 -16.64
CA HIS A 123 15.87 0.29 -16.62
C HIS A 123 16.91 1.26 -17.17
N HIS A 124 17.80 1.72 -16.30
CA HIS A 124 18.83 2.67 -16.72
C HIS A 124 19.34 2.33 -18.11
N HIS A 125 19.85 1.11 -18.27
CA HIS A 125 20.37 0.67 -19.56
C HIS A 125 21.42 1.66 -20.08
N MET A 1 -14.05 -0.91 6.70
CA MET A 1 -13.23 -2.12 7.02
C MET A 1 -14.13 -3.34 7.12
N ASP A 2 -14.31 -4.03 6.01
CA ASP A 2 -15.15 -5.22 5.98
C ASP A 2 -14.53 -6.33 6.82
N ASP A 3 -15.39 -7.18 7.37
CA ASP A 3 -14.92 -8.29 8.21
C ASP A 3 -13.96 -9.15 7.43
N ILE A 4 -14.22 -9.29 6.13
CA ILE A 4 -13.36 -10.08 5.26
C ILE A 4 -11.96 -9.50 5.20
N TYR A 5 -11.87 -8.17 5.16
CA TYR A 5 -10.58 -7.50 5.09
C TYR A 5 -9.76 -7.81 6.34
N LYS A 6 -10.40 -7.74 7.50
CA LYS A 6 -9.71 -8.03 8.76
C LYS A 6 -9.25 -9.48 8.78
N ALA A 7 -10.11 -10.36 8.29
CA ALA A 7 -9.77 -11.77 8.22
C ALA A 7 -8.59 -12.00 7.29
N ALA A 8 -8.57 -11.26 6.20
CA ALA A 8 -7.49 -11.39 5.22
C ALA A 8 -6.15 -11.13 5.88
N VAL A 9 -6.10 -10.12 6.73
CA VAL A 9 -4.87 -9.79 7.42
C VAL A 9 -4.44 -10.97 8.30
N GLU A 10 -5.39 -11.52 9.05
CA GLU A 10 -5.12 -12.64 9.93
C GLU A 10 -4.87 -13.92 9.13
N GLN A 11 -5.44 -13.97 7.93
CA GLN A 11 -5.29 -15.13 7.06
C GLN A 11 -3.84 -15.27 6.59
N LEU A 12 -3.20 -14.14 6.35
CA LEU A 12 -1.81 -14.16 5.90
C LEU A 12 -0.97 -15.03 6.81
N THR A 13 -0.11 -15.85 6.21
CA THR A 13 0.75 -16.75 6.97
C THR A 13 1.89 -15.96 7.62
N GLU A 14 2.77 -16.67 8.31
CA GLU A 14 3.89 -16.02 8.98
C GLU A 14 4.77 -15.29 7.97
N GLU A 15 5.06 -15.94 6.85
CA GLU A 15 5.89 -15.32 5.83
C GLU A 15 5.23 -14.07 5.26
N GLN A 16 3.93 -14.15 4.99
CA GLN A 16 3.20 -13.01 4.45
C GLN A 16 3.21 -11.86 5.46
N LYS A 17 2.94 -12.17 6.72
CA LYS A 17 2.93 -11.15 7.77
C LYS A 17 4.32 -10.56 7.93
N ASN A 18 5.33 -11.42 7.90
CA ASN A 18 6.71 -10.97 8.05
C ASN A 18 7.12 -10.08 6.87
N GLU A 19 6.75 -10.51 5.67
CA GLU A 19 7.08 -9.75 4.46
C GLU A 19 6.41 -8.38 4.50
N PHE A 20 5.12 -8.37 4.85
CA PHE A 20 4.38 -7.12 4.93
C PHE A 20 4.94 -6.23 6.04
N LYS A 21 5.30 -6.84 7.16
CA LYS A 21 5.84 -6.09 8.28
C LYS A 21 7.06 -5.28 7.84
N ALA A 22 7.94 -5.92 7.08
CA ALA A 22 9.14 -5.25 6.60
C ALA A 22 8.76 -4.09 5.69
N ALA A 23 7.75 -4.29 4.85
CA ALA A 23 7.30 -3.26 3.93
C ALA A 23 6.80 -2.04 4.70
N PHE A 24 6.07 -2.28 5.78
CA PHE A 24 5.55 -1.19 6.61
C PHE A 24 6.69 -0.33 7.13
N ASP A 25 7.71 -0.98 7.68
CA ASP A 25 8.85 -0.26 8.22
C ASP A 25 9.50 0.59 7.13
N ILE A 26 9.71 0.00 5.96
CA ILE A 26 10.31 0.72 4.85
C ILE A 26 9.40 1.85 4.38
N PHE A 27 8.11 1.55 4.28
CA PHE A 27 7.14 2.54 3.85
C PHE A 27 7.08 3.72 4.82
N VAL A 28 7.13 3.42 6.10
CA VAL A 28 7.07 4.45 7.13
C VAL A 28 8.47 4.76 7.66
N LEU A 29 9.47 4.18 7.02
CA LEU A 29 10.85 4.41 7.43
C LEU A 29 11.18 5.90 7.42
N GLY A 30 11.84 6.36 8.47
CA GLY A 30 12.22 7.76 8.53
C GLY A 30 11.02 8.65 8.86
N ALA A 31 9.87 8.01 9.00
CA ALA A 31 8.65 8.76 9.30
C ALA A 31 8.54 9.00 10.79
N GLU A 32 8.23 10.24 11.16
CA GLU A 32 8.11 10.59 12.57
C GLU A 32 6.97 9.80 13.22
N ASP A 33 5.83 9.75 12.54
CA ASP A 33 4.68 9.02 13.06
C ASP A 33 4.85 7.52 12.85
N GLY A 34 5.58 7.16 11.80
CA GLY A 34 5.81 5.75 11.49
C GLY A 34 4.67 5.17 10.64
N SER A 35 3.80 6.05 10.15
CA SER A 35 2.69 5.62 9.31
C SER A 35 2.91 6.04 7.87
N ILE A 36 2.21 5.39 6.94
CA ILE A 36 2.34 5.71 5.53
C ILE A 36 1.42 6.87 5.15
N SER A 37 2.02 8.02 4.87
CA SER A 37 1.25 9.20 4.50
C SER A 37 1.61 9.63 3.08
N THR A 38 1.05 10.75 2.63
CA THR A 38 1.33 11.25 1.30
C THR A 38 2.82 11.52 1.13
N LYS A 39 3.47 12.02 2.19
CA LYS A 39 4.89 12.30 2.13
C LYS A 39 5.67 11.00 1.84
N GLU A 40 5.37 9.96 2.59
CA GLU A 40 6.04 8.67 2.40
C GLU A 40 5.54 8.01 1.13
N LEU A 41 4.24 8.17 0.86
CA LEU A 41 3.63 7.59 -0.33
C LEU A 41 4.26 8.16 -1.58
N GLY A 42 4.44 9.47 -1.61
CA GLY A 42 5.05 10.13 -2.75
C GLY A 42 6.46 9.59 -3.00
N LYS A 43 7.22 9.42 -1.92
CA LYS A 43 8.57 8.91 -2.04
C LYS A 43 8.56 7.52 -2.69
N VAL A 44 7.69 6.65 -2.19
CA VAL A 44 7.57 5.30 -2.73
C VAL A 44 6.92 5.31 -4.11
N MET A 45 5.93 6.17 -4.28
CA MET A 45 5.23 6.27 -5.55
C MET A 45 6.20 6.62 -6.67
N ARG A 46 7.16 7.48 -6.37
CA ARG A 46 8.14 7.88 -7.37
C ARG A 46 8.94 6.66 -7.82
N MET A 47 9.25 5.79 -6.86
CA MET A 47 9.99 4.58 -7.16
C MET A 47 9.22 3.68 -8.12
N LEU A 48 7.90 3.64 -7.93
CA LEU A 48 7.03 2.80 -8.76
C LEU A 48 6.84 3.43 -10.12
N GLY A 49 7.44 4.60 -10.33
CA GLY A 49 7.31 5.31 -11.60
C GLY A 49 6.12 6.25 -11.58
N GLN A 50 5.48 6.38 -10.43
CA GLN A 50 4.32 7.24 -10.29
C GLN A 50 4.69 8.54 -9.58
N ASN A 51 4.05 9.63 -9.97
CA ASN A 51 4.33 10.92 -9.34
C ASN A 51 3.03 11.60 -8.93
N PRO A 52 2.26 10.95 -8.09
CA PRO A 52 0.97 11.50 -7.60
C PRO A 52 1.16 12.70 -6.68
N THR A 53 0.21 13.62 -6.72
CA THR A 53 0.27 14.82 -5.88
C THR A 53 -0.29 14.53 -4.49
N PRO A 54 -0.02 15.40 -3.56
CA PRO A 54 -0.50 15.23 -2.16
C PRO A 54 -1.98 14.96 -2.08
N GLU A 55 -2.75 15.69 -2.89
CA GLU A 55 -4.20 15.52 -2.89
C GLU A 55 -4.55 14.09 -3.32
N GLU A 56 -3.92 13.64 -4.40
CA GLU A 56 -4.16 12.30 -4.92
C GLU A 56 -3.65 11.26 -3.92
N LEU A 57 -2.52 11.57 -3.30
CA LEU A 57 -1.91 10.65 -2.32
C LEU A 57 -2.88 10.42 -1.16
N GLN A 58 -3.53 11.48 -0.71
CA GLN A 58 -4.48 11.37 0.38
C GLN A 58 -5.65 10.47 -0.02
N GLU A 59 -6.09 10.62 -1.25
CA GLU A 59 -7.20 9.80 -1.74
C GLU A 59 -6.85 8.31 -1.65
N MET A 60 -5.65 7.97 -2.09
CA MET A 60 -5.21 6.58 -2.04
C MET A 60 -5.16 6.11 -0.60
N ILE A 61 -4.68 6.99 0.29
CA ILE A 61 -4.60 6.67 1.71
C ILE A 61 -6.00 6.61 2.30
N ASP A 62 -6.90 7.43 1.75
CA ASP A 62 -8.28 7.48 2.23
C ASP A 62 -8.99 6.17 1.97
N GLU A 63 -8.52 5.45 0.96
CA GLU A 63 -9.12 4.17 0.59
C GLU A 63 -9.07 3.20 1.78
N VAL A 64 -7.97 3.22 2.51
CA VAL A 64 -7.82 2.35 3.67
C VAL A 64 -7.94 3.15 4.96
N ASP A 65 -7.86 4.47 4.85
CA ASP A 65 -7.97 5.33 6.02
C ASP A 65 -9.43 5.62 6.35
N GLU A 66 -10.13 4.60 6.83
CA GLU A 66 -11.53 4.75 7.21
C GLU A 66 -11.69 5.67 8.41
N ASP A 67 -10.78 5.56 9.35
CA ASP A 67 -10.83 6.38 10.55
C ASP A 67 -10.42 7.82 10.25
N GLY A 68 -10.05 8.08 9.00
CA GLY A 68 -9.67 9.42 8.60
C GLY A 68 -8.36 9.83 9.27
N SER A 69 -7.58 8.85 9.71
CA SER A 69 -6.31 9.14 10.38
C SER A 69 -5.38 9.92 9.46
N GLY A 70 -5.57 9.76 8.15
CA GLY A 70 -4.76 10.46 7.18
C GLY A 70 -3.50 9.66 6.85
N THR A 71 -3.28 8.58 7.59
CA THR A 71 -2.12 7.74 7.37
C THR A 71 -2.52 6.26 7.36
N VAL A 72 -1.74 5.44 6.67
CA VAL A 72 -2.03 4.02 6.60
C VAL A 72 -1.16 3.24 7.58
N ASP A 73 -1.79 2.65 8.58
CA ASP A 73 -1.06 1.87 9.59
C ASP A 73 -0.94 0.42 9.15
N PHE A 74 -0.50 -0.43 10.07
CA PHE A 74 -0.32 -1.84 9.77
C PHE A 74 -1.65 -2.46 9.34
N ASP A 75 -2.71 -2.20 10.10
CA ASP A 75 -4.03 -2.75 9.77
C ASP A 75 -4.49 -2.26 8.41
N GLU A 76 -4.38 -0.96 8.17
CA GLU A 76 -4.78 -0.38 6.89
C GLU A 76 -3.81 -0.80 5.79
N PHE A 77 -2.53 -0.91 6.14
CA PHE A 77 -1.53 -1.30 5.16
C PHE A 77 -1.90 -2.66 4.55
N LEU A 78 -2.12 -3.67 5.40
CA LEU A 78 -2.45 -5.00 4.90
C LEU A 78 -3.77 -4.97 4.16
N VAL A 79 -4.72 -4.22 4.70
CA VAL A 79 -6.03 -4.08 4.08
C VAL A 79 -5.90 -3.41 2.71
N MET A 80 -5.06 -2.40 2.61
CA MET A 80 -4.87 -1.70 1.35
C MET A 80 -4.47 -2.68 0.25
N MET A 81 -3.48 -3.52 0.53
CA MET A 81 -3.03 -4.49 -0.46
C MET A 81 -4.11 -5.55 -0.70
N VAL A 82 -4.71 -5.99 0.39
CA VAL A 82 -5.77 -6.99 0.31
C VAL A 82 -6.95 -6.46 -0.50
N ARG A 83 -7.28 -5.19 -0.28
CA ARG A 83 -8.37 -4.56 -1.00
C ARG A 83 -8.10 -4.59 -2.50
N SER A 84 -6.86 -4.34 -2.90
CA SER A 84 -6.52 -4.35 -4.31
C SER A 84 -6.81 -5.72 -4.92
N MET A 85 -6.40 -6.78 -4.23
CA MET A 85 -6.64 -8.14 -4.72
C MET A 85 -8.12 -8.54 -4.61
N LYS A 86 -8.69 -8.26 -3.44
CA LYS A 86 -10.09 -8.59 -3.20
C LYS A 86 -11.00 -7.84 -4.16
N ASP A 87 -10.64 -6.59 -4.46
CA ASP A 87 -11.42 -5.77 -5.36
C ASP A 87 -11.61 -6.50 -6.70
N ASP A 88 -10.52 -7.07 -7.21
CA ASP A 88 -10.58 -7.80 -8.48
C ASP A 88 -11.50 -9.01 -8.34
N SER A 89 -11.42 -9.70 -7.20
CA SER A 89 -12.26 -10.88 -6.98
C SER A 89 -13.74 -10.52 -7.05
N LYS A 90 -14.12 -9.46 -6.34
CA LYS A 90 -15.52 -9.02 -6.35
C LYS A 90 -15.93 -8.55 -7.73
N GLY A 91 -15.02 -7.86 -8.41
CA GLY A 91 -15.29 -7.35 -9.76
C GLY A 91 -15.73 -5.90 -9.70
N LYS A 92 -16.83 -5.64 -8.99
CA LYS A 92 -17.34 -4.29 -8.86
C LYS A 92 -17.46 -3.90 -7.39
N PHE A 93 -16.99 -2.71 -7.05
CA PHE A 93 -17.05 -2.24 -5.67
C PHE A 93 -16.90 -0.73 -5.62
N LYS A 94 -18.01 -0.03 -5.36
CA LYS A 94 -18.00 1.44 -5.27
C LYS A 94 -16.70 1.99 -5.85
N ARG A 95 -16.72 2.37 -7.12
CA ARG A 95 -15.53 2.90 -7.77
C ARG A 95 -15.71 4.39 -8.05
N PRO A 96 -14.63 5.09 -8.22
CA PRO A 96 -14.63 6.55 -8.49
C PRO A 96 -15.24 6.89 -9.86
N THR A 97 -14.47 6.64 -10.91
CA THR A 97 -14.94 6.91 -12.26
C THR A 97 -14.32 5.93 -13.26
N LEU A 98 -13.10 6.23 -13.68
CA LEU A 98 -12.39 5.38 -14.63
C LEU A 98 -12.18 3.98 -14.03
N ARG A 99 -12.30 3.89 -12.72
CA ARG A 99 -12.12 2.61 -12.03
C ARG A 99 -10.64 2.36 -11.77
N ARG A 100 -10.35 1.49 -10.81
CA ARG A 100 -8.97 1.16 -10.47
C ARG A 100 -8.20 2.43 -10.09
N VAL A 101 -6.93 2.26 -9.72
CA VAL A 101 -6.09 3.38 -9.32
C VAL A 101 -4.97 3.59 -10.32
N ARG A 102 -4.99 2.82 -11.40
CA ARG A 102 -3.98 2.92 -12.44
C ARG A 102 -2.63 2.45 -11.92
N ILE A 103 -2.63 1.92 -10.70
CA ILE A 103 -1.40 1.42 -10.08
C ILE A 103 -1.61 0.01 -9.53
N SER A 104 -0.64 -0.88 -9.76
CA SER A 104 -0.74 -2.24 -9.28
C SER A 104 -0.09 -2.35 -7.90
N ALA A 105 -0.87 -2.80 -6.92
CA ALA A 105 -0.36 -2.94 -5.57
C ALA A 105 0.81 -3.93 -5.55
N ASP A 106 0.69 -4.99 -6.35
CA ASP A 106 1.75 -5.99 -6.41
C ASP A 106 3.04 -5.35 -6.91
N ALA A 107 2.92 -4.47 -7.90
CA ALA A 107 4.09 -3.79 -8.45
C ALA A 107 4.75 -2.93 -7.37
N MET A 108 3.93 -2.26 -6.58
CA MET A 108 4.43 -1.42 -5.50
C MET A 108 5.22 -2.24 -4.50
N MET A 109 4.67 -3.38 -4.11
CA MET A 109 5.35 -4.24 -3.15
C MET A 109 6.68 -4.72 -3.73
N GLN A 110 6.68 -5.02 -5.02
CA GLN A 110 7.89 -5.47 -5.68
C GLN A 110 8.97 -4.39 -5.62
N ALA A 111 8.55 -3.15 -5.82
CA ALA A 111 9.49 -2.02 -5.78
C ALA A 111 10.05 -1.84 -4.37
N LEU A 112 9.18 -1.98 -3.38
CA LEU A 112 9.59 -1.83 -1.99
C LEU A 112 10.49 -2.98 -1.54
N LEU A 113 10.17 -4.20 -1.99
CA LEU A 113 10.95 -5.37 -1.64
C LEU A 113 12.10 -5.58 -2.62
N GLY A 114 11.78 -5.55 -3.90
CA GLY A 114 12.79 -5.74 -4.94
C GLY A 114 13.46 -7.10 -4.81
N ALA A 115 14.78 -7.12 -4.94
CA ALA A 115 15.53 -8.37 -4.84
C ALA A 115 15.00 -9.40 -5.83
N ARG A 116 15.82 -10.41 -6.10
CA ARG A 116 15.43 -11.46 -7.04
C ARG A 116 14.90 -10.85 -8.34
N ALA A 117 15.35 -9.64 -8.64
CA ALA A 117 14.91 -8.95 -9.85
C ALA A 117 15.98 -7.98 -10.33
N LYS A 118 16.05 -7.76 -11.63
CA LYS A 118 17.04 -6.85 -12.20
C LYS A 118 16.72 -6.59 -13.68
N GLY A 119 17.43 -7.29 -14.55
CA GLY A 119 17.21 -7.12 -15.99
C GLY A 119 17.37 -5.66 -16.40
N HIS A 120 16.38 -5.14 -17.11
CA HIS A 120 16.42 -3.76 -17.56
C HIS A 120 16.10 -2.81 -16.41
N HIS A 121 17.11 -2.50 -15.62
CA HIS A 121 16.95 -1.60 -14.49
C HIS A 121 17.68 -0.28 -14.72
N HIS A 122 16.93 0.82 -14.67
CA HIS A 122 17.51 2.14 -14.88
C HIS A 122 16.42 3.18 -15.12
N HIS A 123 15.93 3.24 -16.35
CA HIS A 123 14.89 4.20 -16.69
C HIS A 123 13.71 3.49 -17.35
N HIS A 124 12.51 4.05 -17.17
CA HIS A 124 11.31 3.47 -17.75
C HIS A 124 11.35 3.52 -19.27
N HIS A 125 10.76 2.52 -19.91
CA HIS A 125 10.74 2.46 -21.36
C HIS A 125 9.32 2.22 -21.87
N MET A 1 -13.35 -1.76 9.69
CA MET A 1 -12.68 -2.65 8.71
C MET A 1 -13.64 -3.75 8.27
N ASP A 2 -13.64 -4.06 6.98
CA ASP A 2 -14.51 -5.09 6.44
C ASP A 2 -14.13 -6.46 7.02
N ASP A 3 -15.12 -7.34 7.14
CA ASP A 3 -14.87 -8.68 7.69
C ASP A 3 -13.86 -9.42 6.82
N ILE A 4 -14.02 -9.32 5.52
CA ILE A 4 -13.11 -9.99 4.60
C ILE A 4 -11.70 -9.43 4.74
N TYR A 5 -11.57 -8.10 4.69
CA TYR A 5 -10.27 -7.47 4.82
C TYR A 5 -9.67 -7.77 6.18
N LYS A 6 -10.50 -7.71 7.22
CA LYS A 6 -10.03 -7.99 8.57
C LYS A 6 -9.57 -9.43 8.67
N ALA A 7 -10.36 -10.35 8.11
CA ALA A 7 -10.02 -11.76 8.12
C ALA A 7 -8.77 -12.01 7.30
N ALA A 8 -8.65 -11.29 6.18
CA ALA A 8 -7.51 -11.45 5.29
C ALA A 8 -6.22 -11.14 6.03
N VAL A 9 -6.23 -10.04 6.80
CA VAL A 9 -5.05 -9.65 7.55
C VAL A 9 -4.69 -10.73 8.58
N GLU A 10 -5.70 -11.20 9.29
CA GLU A 10 -5.50 -12.23 10.31
C GLU A 10 -5.15 -13.56 9.66
N GLN A 11 -5.63 -13.76 8.43
CA GLN A 11 -5.38 -14.99 7.70
C GLN A 11 -3.91 -15.12 7.36
N LEU A 12 -3.27 -14.00 7.03
CA LEU A 12 -1.86 -14.01 6.67
C LEU A 12 -1.04 -14.71 7.75
N THR A 13 -0.14 -15.58 7.34
CA THR A 13 0.72 -16.31 8.27
C THR A 13 1.90 -15.45 8.68
N GLU A 14 2.77 -16.01 9.51
CA GLU A 14 3.93 -15.27 9.98
C GLU A 14 4.76 -14.77 8.79
N GLU A 15 5.01 -15.64 7.83
CA GLU A 15 5.78 -15.26 6.65
C GLU A 15 5.03 -14.19 5.87
N GLN A 16 3.72 -14.37 5.72
CA GLN A 16 2.91 -13.40 4.97
C GLN A 16 2.91 -12.05 5.68
N LYS A 17 2.69 -12.07 6.99
CA LYS A 17 2.68 -10.83 7.76
C LYS A 17 4.06 -10.18 7.72
N ASN A 18 5.10 -11.00 7.83
CA ASN A 18 6.46 -10.49 7.81
C ASN A 18 6.75 -9.82 6.46
N GLU A 19 6.29 -10.45 5.39
CA GLU A 19 6.50 -9.90 4.05
C GLU A 19 5.81 -8.55 3.93
N PHE A 20 4.57 -8.47 4.40
CA PHE A 20 3.81 -7.23 4.35
C PHE A 20 4.40 -6.20 5.30
N LYS A 21 4.82 -6.66 6.47
CA LYS A 21 5.39 -5.78 7.47
C LYS A 21 6.64 -5.09 6.92
N ALA A 22 7.41 -5.83 6.13
CA ALA A 22 8.64 -5.27 5.57
C ALA A 22 8.31 -4.04 4.73
N ALA A 23 7.24 -4.12 3.94
CA ALA A 23 6.81 -3.00 3.13
C ALA A 23 6.38 -1.84 4.03
N PHE A 24 5.68 -2.17 5.11
CA PHE A 24 5.22 -1.15 6.05
C PHE A 24 6.39 -0.38 6.63
N ASP A 25 7.42 -1.10 7.07
CA ASP A 25 8.59 -0.46 7.64
C ASP A 25 9.26 0.46 6.62
N ILE A 26 9.47 -0.06 5.41
CA ILE A 26 10.08 0.73 4.34
C ILE A 26 9.17 1.87 3.93
N PHE A 27 7.88 1.57 3.82
CA PHE A 27 6.91 2.59 3.42
C PHE A 27 6.94 3.76 4.39
N VAL A 28 7.06 3.45 5.68
CA VAL A 28 7.10 4.50 6.70
C VAL A 28 8.55 4.78 7.11
N LEU A 29 9.48 4.57 6.17
CA LEU A 29 10.89 4.81 6.46
C LEU A 29 11.11 6.23 6.97
N GLY A 30 11.48 6.34 8.24
CA GLY A 30 11.72 7.64 8.85
C GLY A 30 10.41 8.26 9.37
N ALA A 31 9.30 7.55 9.16
CA ALA A 31 8.01 8.04 9.63
C ALA A 31 7.96 8.09 11.15
N GLU A 32 7.73 9.28 11.68
CA GLU A 32 7.67 9.45 13.14
C GLU A 32 6.51 8.64 13.72
N ASP A 33 5.37 8.70 13.05
CA ASP A 33 4.19 7.96 13.50
C ASP A 33 4.31 6.49 13.12
N GLY A 34 5.03 6.22 12.03
CA GLY A 34 5.21 4.85 11.56
C GLY A 34 4.13 4.49 10.56
N SER A 35 3.18 5.38 10.35
CA SER A 35 2.09 5.12 9.41
C SER A 35 2.39 5.79 8.07
N ILE A 36 2.05 5.11 6.99
CA ILE A 36 2.29 5.64 5.65
C ILE A 36 1.44 6.89 5.42
N SER A 37 2.09 7.96 4.97
CA SER A 37 1.39 9.22 4.71
C SER A 37 1.67 9.69 3.29
N THR A 38 1.21 10.90 2.98
CA THR A 38 1.44 11.44 1.64
C THR A 38 2.93 11.62 1.38
N LYS A 39 3.67 12.03 2.41
CA LYS A 39 5.11 12.22 2.25
C LYS A 39 5.78 10.89 1.91
N GLU A 40 5.47 9.86 2.69
CA GLU A 40 6.02 8.53 2.45
C GLU A 40 5.42 7.92 1.19
N LEU A 41 4.14 8.18 0.96
CA LEU A 41 3.45 7.66 -0.20
C LEU A 41 4.12 8.17 -1.47
N GLY A 42 4.38 9.47 -1.51
CA GLY A 42 5.02 10.06 -2.68
C GLY A 42 6.39 9.42 -2.92
N LYS A 43 7.13 9.19 -1.84
CA LYS A 43 8.44 8.57 -1.96
C LYS A 43 8.33 7.20 -2.64
N VAL A 44 7.41 6.38 -2.14
CA VAL A 44 7.21 5.05 -2.70
C VAL A 44 6.70 5.15 -4.13
N MET A 45 5.77 6.06 -4.35
CA MET A 45 5.21 6.26 -5.69
C MET A 45 6.30 6.67 -6.67
N ARG A 46 7.21 7.51 -6.21
CA ARG A 46 8.30 7.98 -7.05
C ARG A 46 9.16 6.79 -7.48
N MET A 47 9.35 5.85 -6.57
CA MET A 47 10.15 4.67 -6.87
C MET A 47 9.49 3.86 -7.99
N LEU A 48 8.17 3.79 -7.96
CA LEU A 48 7.42 3.03 -8.95
C LEU A 48 7.25 3.86 -10.23
N GLY A 49 7.84 5.06 -10.24
CA GLY A 49 7.74 5.94 -11.39
C GLY A 49 6.51 6.83 -11.30
N GLN A 50 5.79 6.70 -10.20
CA GLN A 50 4.58 7.51 -10.00
C GLN A 50 4.93 8.85 -9.38
N ASN A 51 4.15 9.88 -9.70
CA ASN A 51 4.38 11.20 -9.16
C ASN A 51 3.08 11.87 -8.74
N PRO A 52 2.33 11.23 -7.88
CA PRO A 52 1.03 11.76 -7.38
C PRO A 52 1.21 13.00 -6.50
N THR A 53 0.18 13.84 -6.46
CA THR A 53 0.23 15.06 -5.66
C THR A 53 -0.25 14.80 -4.24
N PRO A 54 0.02 15.69 -3.34
CA PRO A 54 -0.40 15.55 -1.92
C PRO A 54 -1.88 15.28 -1.78
N GLU A 55 -2.69 15.98 -2.58
CA GLU A 55 -4.13 15.81 -2.52
C GLU A 55 -4.50 14.37 -2.89
N GLU A 56 -3.89 13.87 -3.97
CA GLU A 56 -4.15 12.51 -4.42
C GLU A 56 -3.59 11.50 -3.44
N LEU A 57 -2.44 11.84 -2.84
CA LEU A 57 -1.78 10.95 -1.89
C LEU A 57 -2.71 10.64 -0.71
N GLN A 58 -3.37 11.67 -0.21
CA GLN A 58 -4.30 11.49 0.90
C GLN A 58 -5.52 10.69 0.45
N GLU A 59 -6.00 10.98 -0.76
CA GLU A 59 -7.15 10.27 -1.29
C GLU A 59 -6.84 8.78 -1.40
N MET A 60 -5.65 8.46 -1.93
CA MET A 60 -5.25 7.08 -2.08
C MET A 60 -5.18 6.41 -0.71
N ILE A 61 -4.58 7.10 0.25
CA ILE A 61 -4.47 6.57 1.60
C ILE A 61 -5.87 6.45 2.22
N ASP A 62 -6.74 7.40 1.88
CA ASP A 62 -8.09 7.40 2.41
C ASP A 62 -8.83 6.15 1.97
N GLU A 63 -8.43 5.59 0.83
CA GLU A 63 -9.07 4.39 0.30
C GLU A 63 -8.96 3.24 1.29
N VAL A 64 -7.80 3.10 1.92
CA VAL A 64 -7.60 2.04 2.89
C VAL A 64 -7.72 2.58 4.32
N ASP A 65 -7.87 3.90 4.43
CA ASP A 65 -8.01 4.53 5.73
C ASP A 65 -9.43 4.40 6.24
N GLU A 66 -9.59 3.75 7.38
CA GLU A 66 -10.92 3.56 7.97
C GLU A 66 -11.43 4.85 8.63
N ASP A 67 -10.57 5.46 9.44
CA ASP A 67 -10.95 6.68 10.12
C ASP A 67 -10.70 7.91 9.24
N GLY A 68 -10.18 7.66 8.04
CA GLY A 68 -9.91 8.75 7.11
C GLY A 68 -8.79 9.65 7.63
N SER A 69 -7.95 9.10 8.49
CA SER A 69 -6.86 9.88 9.08
C SER A 69 -5.94 10.42 7.98
N GLY A 70 -6.00 9.82 6.81
CA GLY A 70 -5.17 10.24 5.69
C GLY A 70 -3.84 9.50 5.68
N THR A 71 -3.66 8.60 6.65
CA THR A 71 -2.43 7.82 6.73
C THR A 71 -2.76 6.34 6.88
N VAL A 72 -1.79 5.50 6.54
CA VAL A 72 -1.96 4.06 6.66
C VAL A 72 -0.98 3.47 7.67
N ASP A 73 -1.51 2.69 8.61
CA ASP A 73 -0.68 2.08 9.63
C ASP A 73 -0.36 0.64 9.26
N PHE A 74 0.14 -0.14 10.23
CA PHE A 74 0.47 -1.53 9.98
C PHE A 74 -0.75 -2.32 9.50
N ASP A 75 -1.84 -2.19 10.23
CA ASP A 75 -3.06 -2.90 9.86
C ASP A 75 -3.66 -2.30 8.57
N GLU A 76 -3.54 -0.98 8.43
CA GLU A 76 -4.09 -0.31 7.26
C GLU A 76 -3.32 -0.68 5.99
N PHE A 77 -1.98 -0.70 6.08
CA PHE A 77 -1.18 -1.03 4.92
C PHE A 77 -1.43 -2.47 4.50
N LEU A 78 -1.67 -3.35 5.48
CA LEU A 78 -1.95 -4.74 5.19
C LEU A 78 -3.24 -4.89 4.40
N VAL A 79 -4.24 -4.10 4.79
CA VAL A 79 -5.54 -4.12 4.10
C VAL A 79 -5.37 -3.66 2.66
N MET A 80 -4.61 -2.58 2.46
CA MET A 80 -4.37 -2.07 1.11
C MET A 80 -3.87 -3.20 0.21
N MET A 81 -2.91 -3.97 0.70
CA MET A 81 -2.37 -5.07 -0.09
C MET A 81 -3.47 -6.09 -0.37
N VAL A 82 -4.25 -6.40 0.66
CA VAL A 82 -5.36 -7.35 0.53
C VAL A 82 -6.43 -6.80 -0.40
N ARG A 83 -6.71 -5.50 -0.28
CA ARG A 83 -7.71 -4.86 -1.12
C ARG A 83 -7.36 -5.03 -2.59
N SER A 84 -6.08 -4.91 -2.91
CA SER A 84 -5.64 -5.06 -4.29
C SER A 84 -5.84 -6.50 -4.78
N MET A 85 -5.49 -7.46 -3.93
CA MET A 85 -5.62 -8.87 -4.29
C MET A 85 -7.08 -9.28 -4.27
N LYS A 86 -7.82 -8.79 -3.27
CA LYS A 86 -9.24 -9.12 -3.13
C LYS A 86 -10.11 -8.09 -3.85
N ASP A 87 -9.99 -6.84 -3.45
CA ASP A 87 -10.77 -5.77 -4.08
C ASP A 87 -12.27 -6.07 -3.96
N ASP A 88 -12.71 -6.37 -2.73
CA ASP A 88 -14.11 -6.68 -2.50
C ASP A 88 -14.99 -5.46 -2.78
N SER A 89 -14.34 -4.32 -2.97
CA SER A 89 -15.07 -3.08 -3.26
C SER A 89 -15.81 -3.20 -4.58
N LYS A 90 -15.19 -3.83 -5.57
CA LYS A 90 -15.81 -3.99 -6.87
C LYS A 90 -16.23 -2.63 -7.44
N GLY A 91 -15.42 -1.61 -7.17
CA GLY A 91 -15.72 -0.27 -7.66
C GLY A 91 -16.65 0.46 -6.69
N LYS A 92 -17.93 0.10 -6.71
CA LYS A 92 -18.91 0.71 -5.83
C LYS A 92 -19.07 2.19 -6.18
N PHE A 93 -20.32 2.63 -6.33
CA PHE A 93 -20.59 4.03 -6.65
C PHE A 93 -20.56 4.89 -5.39
N LYS A 94 -19.51 5.68 -5.25
CA LYS A 94 -19.36 6.55 -4.08
C LYS A 94 -18.27 7.59 -4.31
N ARG A 95 -17.09 7.13 -4.72
CA ARG A 95 -15.97 8.02 -4.98
C ARG A 95 -14.91 7.34 -5.85
N PRO A 96 -14.21 6.42 -5.29
CA PRO A 96 -13.14 5.66 -6.00
C PRO A 96 -13.69 4.84 -7.16
N THR A 97 -12.96 4.84 -8.27
CA THR A 97 -13.39 4.10 -9.45
C THR A 97 -12.41 4.32 -10.60
N LEU A 98 -12.88 5.00 -11.65
CA LEU A 98 -12.03 5.28 -12.81
C LEU A 98 -11.10 4.10 -13.10
N ARG A 99 -11.64 3.06 -13.73
CA ARG A 99 -10.84 1.88 -14.06
C ARG A 99 -10.20 1.30 -12.81
N ARG A 100 -10.95 1.28 -11.72
CA ARG A 100 -10.44 0.74 -10.47
C ARG A 100 -9.63 1.78 -9.71
N VAL A 101 -8.34 1.88 -10.04
CA VAL A 101 -7.46 2.83 -9.39
C VAL A 101 -6.50 3.44 -10.39
N ARG A 102 -5.35 3.89 -9.90
CA ARG A 102 -4.35 4.52 -10.77
C ARG A 102 -3.04 3.75 -10.73
N ILE A 103 -2.84 3.03 -9.64
CA ILE A 103 -1.62 2.24 -9.45
C ILE A 103 -1.94 0.80 -9.06
N SER A 104 -0.98 -0.10 -9.30
CA SER A 104 -1.16 -1.49 -8.95
C SER A 104 -0.37 -1.82 -7.69
N ALA A 105 -1.05 -2.33 -6.68
CA ALA A 105 -0.40 -2.67 -5.43
C ALA A 105 0.68 -3.72 -5.67
N ASP A 106 0.39 -4.66 -6.55
CA ASP A 106 1.34 -5.72 -6.87
C ASP A 106 2.62 -5.10 -7.42
N ALA A 107 2.47 -4.07 -8.27
CA ALA A 107 3.62 -3.40 -8.86
C ALA A 107 4.48 -2.77 -7.76
N MET A 108 3.82 -2.13 -6.81
CA MET A 108 4.51 -1.50 -5.68
C MET A 108 5.25 -2.55 -4.86
N MET A 109 4.61 -3.70 -4.68
CA MET A 109 5.21 -4.77 -3.90
C MET A 109 6.55 -5.18 -4.52
N GLN A 110 6.57 -5.26 -5.84
CA GLN A 110 7.79 -5.63 -6.53
C GLN A 110 8.88 -4.59 -6.27
N ALA A 111 8.49 -3.31 -6.29
CA ALA A 111 9.44 -2.24 -6.04
C ALA A 111 9.92 -2.28 -4.60
N LEU A 112 8.97 -2.43 -3.67
CA LEU A 112 9.31 -2.47 -2.25
C LEU A 112 10.13 -3.71 -1.92
N LEU A 113 9.77 -4.83 -2.53
CA LEU A 113 10.46 -6.09 -2.30
C LEU A 113 11.67 -6.22 -3.22
N GLY A 114 11.74 -5.36 -4.23
CA GLY A 114 12.84 -5.40 -5.18
C GLY A 114 12.66 -6.55 -6.17
N ALA A 115 11.50 -7.19 -6.12
CA ALA A 115 11.22 -8.30 -7.02
C ALA A 115 12.53 -8.98 -7.47
N ARG A 116 13.09 -9.81 -6.60
CA ARG A 116 14.33 -10.51 -6.91
C ARG A 116 15.23 -9.63 -7.77
N ALA A 117 16.00 -10.26 -8.66
CA ALA A 117 16.91 -9.52 -9.53
C ALA A 117 16.13 -8.51 -10.36
N LYS A 118 16.69 -7.31 -10.50
CA LYS A 118 16.04 -6.25 -11.26
C LYS A 118 15.36 -6.82 -12.50
N GLY A 119 16.10 -7.65 -13.24
CA GLY A 119 15.55 -8.26 -14.45
C GLY A 119 15.27 -7.21 -15.51
N HIS A 120 16.03 -6.11 -15.47
CA HIS A 120 15.84 -5.03 -16.43
C HIS A 120 16.07 -5.54 -17.85
N HIS A 121 17.06 -6.41 -18.01
CA HIS A 121 17.39 -6.95 -19.32
C HIS A 121 16.19 -7.69 -19.89
N HIS A 122 15.51 -8.47 -19.04
CA HIS A 122 14.34 -9.23 -19.47
C HIS A 122 13.06 -8.50 -19.12
N HIS A 123 13.20 -7.30 -18.56
CA HIS A 123 12.05 -6.49 -18.19
C HIS A 123 11.10 -7.29 -17.29
N HIS A 124 11.68 -8.01 -16.34
CA HIS A 124 10.88 -8.80 -15.41
C HIS A 124 10.70 -8.07 -14.09
N HIS A 125 11.28 -6.88 -14.00
CA HIS A 125 11.17 -6.08 -12.79
C HIS A 125 9.79 -6.24 -12.15
#